data_3BKK
#
_entry.id   3BKK
#
_cell.length_a   60.383
_cell.length_b   85.070
_cell.length_c   135.506
_cell.angle_alpha   90.000
_cell.angle_beta   90.000
_cell.angle_gamma   90.000
#
_symmetry.space_group_name_H-M   'P 21 21 21'
#
loop_
_entity.id
_entity.type
_entity.pdbx_description
1 polymer 'Angiotensin-converting enzyme, somatic isoform'
2 branched 2-acetamido-2-deoxy-beta-D-glucopyranose-(1-4)-[alpha-L-fucopyranose-(1-6)]2-acetamido-2-deoxy-beta-D-glucopyranose
3 non-polymer 2-acetamido-2-deoxy-beta-D-glucopyranose
4 non-polymer 'ZINC ION'
5 non-polymer 'CHLORIDE ION'
6 non-polymer N-{(5S)-4,4-dihydroxy-6-phenyl-5-[(phenylcarbonyl)amino]hexanoyl}-L-phenylalanine
7 water water
#
_entity_poly.entity_id   1
_entity_poly.type   'polypeptide(L)'
_entity_poly.pdbx_seq_one_letter_code
;LVTDEAEASKFVEEYDRTSQVVWNEYAGANWNYNTNITTETSKILLQKNMQIAQHTLKYGTQARKFDVNQLQNTTIKRII
KKVQDLERAALPAQELEEYNKILLDMETTYSVATVCHPQGSCLQLEPDLTNVMATSRKYEDLLWAWEGWRDKAGRAILQF
YPKYVELINQAARLNGYVDAGDSWRSMYETPSLEQDLERLFQELQPLYLNLHAYVRRALHRHYGAQHINLEGPIPAHLLG
NMWAQTWSNIYDLVVPFPSAPSMDTTEAMLKQGWTPRRMFKEADDFFTSLGLLPVPPEFWQKSMLEKPTDGREVVCHASA
WDFYNGKDFRIKQCTTVNLEDLVVAHHEMGHIQYFMQYKDLPVALREGANPGFHEAIGDVLALSVSTPKHLHSLNLLSSE
GGSDEHDINFLMKMALDKIAFIPFSYLVDQWRWRVFDGSITKENYNQEWWSLRLKYQGLCPPVPRTQGDFDPGAKFHIPS
SVPYIRYFVSFIIQFQFHEALCQAAGHTGPLHKCDIYQSKEAGQRLATAMKLGFSRPWPEAMQLITGQPQMSASAMLSYF
KPLLDWLRTENELHGEKLGWPQYNWTPNSAR
;
_entity_poly.pdbx_strand_id   A
#
loop_
_chem_comp.id
_chem_comp.type
_chem_comp.name
_chem_comp.formula
CL non-polymer 'CHLORIDE ION' 'Cl -1'
FUC L-saccharide, alpha linking alpha-L-fucopyranose 'C6 H12 O5'
KAF non-polymer N-{(5S)-4,4-dihydroxy-6-phenyl-5-[(phenylcarbonyl)amino]hexanoyl}-L-phenylalanine 'C28 H30 N2 O6'
NAG D-saccharide, beta linking 2-acetamido-2-deoxy-beta-D-glucopyranose 'C8 H15 N O6'
ZN non-polymer 'ZINC ION' 'Zn 2'
#
# COMPACT_ATOMS: atom_id res chain seq x y z
N VAL A 2 20.31 -22.41 -32.13
CA VAL A 2 21.68 -21.93 -31.86
C VAL A 2 21.79 -20.45 -32.09
N THR A 3 21.70 -20.06 -33.35
CA THR A 3 21.81 -18.67 -33.62
C THR A 3 20.52 -17.96 -33.22
N ASP A 4 19.37 -18.64 -33.23
CA ASP A 4 18.15 -17.95 -32.78
C ASP A 4 18.35 -17.60 -31.30
N GLU A 5 18.83 -18.61 -30.55
CA GLU A 5 19.11 -18.48 -29.13
C GLU A 5 20.10 -17.33 -28.93
N ALA A 6 21.09 -17.26 -29.83
CA ALA A 6 22.13 -16.22 -29.78
C ALA A 6 21.58 -14.84 -30.14
N GLU A 7 20.62 -14.80 -31.05
CA GLU A 7 20.03 -13.53 -31.43
C GLU A 7 19.21 -13.03 -30.24
N ALA A 8 18.54 -13.95 -29.55
CA ALA A 8 17.73 -13.61 -28.38
C ALA A 8 18.63 -13.05 -27.28
N SER A 9 19.66 -13.81 -26.94
CA SER A 9 20.60 -13.42 -25.91
C SER A 9 21.18 -12.03 -26.19
N LYS A 10 21.52 -11.78 -27.45
CA LYS A 10 22.08 -10.49 -27.85
C LYS A 10 21.04 -9.37 -27.72
N PHE A 11 19.79 -9.69 -28.03
CA PHE A 11 18.69 -8.73 -27.93
C PHE A 11 18.54 -8.26 -26.48
N VAL A 12 18.46 -9.21 -25.57
CA VAL A 12 18.31 -8.92 -24.15
C VAL A 12 19.41 -8.00 -23.64
N GLU A 13 20.65 -8.30 -24.02
CA GLU A 13 21.80 -7.52 -23.61
C GLU A 13 21.65 -6.06 -24.05
N GLU A 14 21.19 -5.84 -25.28
CA GLU A 14 21.01 -4.49 -25.78
C GLU A 14 19.83 -3.81 -25.08
N TYR A 15 18.75 -4.56 -24.87
CA TYR A 15 17.57 -4.03 -24.20
C TYR A 15 17.95 -3.53 -22.82
N ASP A 16 18.82 -4.26 -22.16
CA ASP A 16 19.24 -3.90 -20.82
C ASP A 16 20.03 -2.60 -20.75
N ARG A 17 21.12 -2.51 -21.51
CA ARG A 17 21.97 -1.33 -21.57
C ARG A 17 21.19 -0.07 -21.90
N THR A 18 20.34 -0.19 -22.92
CA THR A 18 19.55 0.95 -23.38
C THR A 18 18.45 1.30 -22.39
N SER A 19 17.74 0.28 -21.88
CA SER A 19 16.66 0.54 -20.93
C SER A 19 17.21 1.26 -19.69
N GLN A 20 18.34 0.80 -19.17
CA GLN A 20 18.93 1.47 -18.01
C GLN A 20 19.03 2.97 -18.25
N VAL A 21 19.61 3.37 -19.37
CA VAL A 21 19.76 4.79 -19.73
C VAL A 21 18.42 5.51 -19.83
N VAL A 22 17.53 4.99 -20.68
CA VAL A 22 16.22 5.58 -20.90
C VAL A 22 15.39 5.63 -19.61
N TRP A 23 15.32 4.50 -18.91
CA TRP A 23 14.56 4.43 -17.66
C TRP A 23 15.11 5.41 -16.62
N ASN A 24 16.42 5.48 -16.49
CA ASN A 24 17.03 6.40 -15.54
C ASN A 24 16.59 7.82 -15.89
N GLU A 25 16.68 8.18 -17.17
CA GLU A 25 16.27 9.50 -17.61
C GLU A 25 14.81 9.78 -17.24
N TYR A 26 13.91 8.85 -17.53
CA TYR A 26 12.51 9.03 -17.22
C TYR A 26 12.30 9.23 -15.72
N ALA A 27 12.90 8.37 -14.91
CA ALA A 27 12.77 8.48 -13.45
C ALA A 27 13.16 9.87 -12.99
N GLY A 28 14.24 10.41 -13.57
CA GLY A 28 14.69 11.74 -13.20
C GLY A 28 13.62 12.80 -13.39
N ALA A 29 12.99 12.81 -14.57
CA ALA A 29 11.95 13.80 -14.84
C ALA A 29 10.69 13.56 -13.99
N ASN A 30 10.35 12.30 -13.77
CA ASN A 30 9.16 11.97 -12.98
C ASN A 30 9.37 12.43 -11.54
N TRP A 31 10.61 12.28 -11.06
CA TRP A 31 10.96 12.70 -9.72
C TRP A 31 10.91 14.23 -9.62
N ASN A 32 11.37 14.92 -10.66
CA ASN A 32 11.36 16.38 -10.65
C ASN A 32 9.95 16.92 -10.63
N TYR A 33 9.04 16.20 -11.27
CA TYR A 33 7.65 16.60 -11.30
C TYR A 33 7.01 16.34 -9.93
N ASN A 34 7.25 15.15 -9.39
CA ASN A 34 6.69 14.75 -8.10
C ASN A 34 7.16 15.61 -6.93
N THR A 35 8.38 16.12 -6.98
CA THR A 35 8.91 16.96 -5.90
C THR A 35 8.80 18.44 -6.20
N ASN A 36 8.14 18.79 -7.29
CA ASN A 36 8.01 20.19 -7.69
C ASN A 36 6.99 20.33 -8.82
N ILE A 37 5.72 20.20 -8.47
CA ILE A 37 4.65 20.29 -9.45
C ILE A 37 4.54 21.68 -10.06
N THR A 38 5.00 21.82 -11.29
CA THR A 38 4.92 23.09 -12.01
C THR A 38 4.55 22.83 -13.47
N THR A 39 4.33 23.89 -14.22
CA THR A 39 3.99 23.73 -15.63
C THR A 39 5.20 23.20 -16.38
N GLU A 40 6.39 23.73 -16.04
CA GLU A 40 7.61 23.29 -16.69
C GLU A 40 7.90 21.81 -16.45
N THR A 41 7.97 21.40 -15.19
CA THR A 41 8.25 20.00 -14.86
C THR A 41 7.22 19.05 -15.44
N SER A 42 5.98 19.50 -15.56
CA SER A 42 4.91 18.67 -16.12
C SER A 42 5.17 18.51 -17.61
N LYS A 43 5.59 19.60 -18.24
CA LYS A 43 5.90 19.61 -19.67
C LYS A 43 7.03 18.61 -19.93
N ILE A 44 8.10 18.74 -19.16
CA ILE A 44 9.26 17.86 -19.31
C ILE A 44 8.90 16.39 -19.11
N LEU A 45 8.04 16.12 -18.14
CA LEU A 45 7.62 14.75 -17.85
C LEU A 45 6.86 14.14 -19.02
N LEU A 46 5.86 14.88 -19.51
CA LEU A 46 5.05 14.42 -20.63
C LEU A 46 5.90 14.19 -21.87
N GLN A 47 6.97 14.97 -22.01
N GLN A 47 6.98 14.96 -22.01
CA GLN A 47 7.85 14.80 -23.15
CA GLN A 47 7.87 14.79 -23.15
C GLN A 47 8.71 13.55 -22.95
C GLN A 47 8.71 13.54 -22.95
N LYS A 48 9.14 13.30 -21.71
CA LYS A 48 9.95 12.12 -21.42
C LYS A 48 9.08 10.87 -21.58
N ASN A 49 7.76 11.05 -21.54
CA ASN A 49 6.81 9.95 -21.72
C ASN A 49 6.90 9.45 -23.15
N MET A 50 7.11 10.38 -24.07
CA MET A 50 7.22 10.04 -25.47
C MET A 50 8.56 9.35 -25.73
N GLN A 51 9.62 9.80 -25.05
CA GLN A 51 10.95 9.20 -25.21
C GLN A 51 10.96 7.73 -24.79
N ILE A 52 10.52 7.48 -23.56
CA ILE A 52 10.51 6.12 -23.06
C ILE A 52 9.51 5.25 -23.83
N ALA A 53 8.43 5.86 -24.32
CA ALA A 53 7.44 5.11 -25.08
C ALA A 53 8.08 4.69 -26.41
N GLN A 54 8.87 5.61 -26.98
CA GLN A 54 9.57 5.34 -28.23
C GLN A 54 10.47 4.11 -28.05
N HIS A 55 11.26 4.12 -26.97
CA HIS A 55 12.16 3.02 -26.66
C HIS A 55 11.38 1.73 -26.43
N THR A 56 10.28 1.84 -25.68
CA THR A 56 9.42 0.69 -25.38
C THR A 56 8.82 0.09 -26.65
N LEU A 57 8.36 0.94 -27.55
CA LEU A 57 7.76 0.48 -28.80
C LEU A 57 8.82 -0.22 -29.65
N LYS A 58 10.00 0.40 -29.74
CA LYS A 58 11.10 -0.15 -30.53
C LYS A 58 11.50 -1.57 -30.10
N TYR A 59 11.89 -1.73 -28.84
CA TYR A 59 12.30 -3.05 -28.36
C TYR A 59 11.15 -4.05 -28.23
N GLY A 60 9.97 -3.57 -27.88
CA GLY A 60 8.83 -4.47 -27.75
C GLY A 60 8.53 -5.10 -29.09
N THR A 61 8.55 -4.28 -30.14
CA THR A 61 8.29 -4.76 -31.49
C THR A 61 9.30 -5.83 -31.86
N GLN A 62 10.59 -5.58 -31.58
CA GLN A 62 11.63 -6.56 -31.86
C GLN A 62 11.41 -7.82 -31.03
N ALA A 63 11.02 -7.63 -29.77
CA ALA A 63 10.78 -8.76 -28.86
C ALA A 63 9.68 -9.69 -29.36
N ARG A 64 8.66 -9.10 -29.97
CA ARG A 64 7.54 -9.88 -30.47
C ARG A 64 7.87 -10.71 -31.70
N LYS A 65 9.02 -10.45 -32.31
CA LYS A 65 9.41 -11.22 -33.48
C LYS A 65 10.07 -12.50 -33.03
N PHE A 66 10.56 -12.55 -31.75
CA PHE A 66 11.13 -13.74 -31.29
C PHE A 66 10.01 -14.68 -30.98
N ASP A 67 10.20 -15.97 -31.23
CA ASP A 67 9.21 -16.93 -30.83
C ASP A 67 9.71 -17.49 -29.53
N VAL A 68 9.23 -16.87 -28.45
CA VAL A 68 9.66 -17.24 -27.10
C VAL A 68 9.68 -18.74 -26.84
N ASN A 69 8.50 -19.37 -26.96
CA ASN A 69 8.32 -20.81 -26.72
C ASN A 69 9.02 -21.71 -27.71
N GLN A 70 10.28 -21.41 -27.97
CA GLN A 70 11.15 -22.16 -28.86
C GLN A 70 12.56 -21.66 -28.55
N LEU A 71 12.68 -21.04 -27.38
CA LEU A 71 13.93 -20.51 -26.85
C LEU A 71 14.28 -21.38 -25.65
N GLN A 72 15.50 -21.90 -25.66
CA GLN A 72 15.99 -22.81 -24.62
C GLN A 72 16.13 -22.23 -23.23
N ASN A 73 17.00 -21.23 -23.10
CA ASN A 73 17.27 -20.60 -21.81
C ASN A 73 16.04 -20.03 -21.12
N THR A 74 15.93 -20.29 -19.82
CA THR A 74 14.81 -19.83 -19.00
C THR A 74 14.80 -18.34 -18.65
N THR A 75 15.96 -17.78 -18.33
CA THR A 75 16.04 -16.36 -17.98
C THR A 75 15.77 -15.46 -19.18
N ILE A 76 16.32 -15.81 -20.33
CA ILE A 76 16.11 -15.00 -21.54
C ILE A 76 14.69 -15.09 -22.08
N LYS A 77 14.10 -16.28 -21.96
CA LYS A 77 12.74 -16.51 -22.42
C LYS A 77 11.77 -15.65 -21.60
N ARG A 78 12.06 -15.53 -20.31
CA ARG A 78 11.23 -14.75 -19.39
C ARG A 78 11.36 -13.25 -19.65
N ILE A 79 12.58 -12.79 -19.88
CA ILE A 79 12.82 -11.37 -20.15
C ILE A 79 12.13 -10.95 -21.44
N ILE A 80 12.32 -11.74 -22.48
CA ILE A 80 11.72 -11.44 -23.78
C ILE A 80 10.20 -11.46 -23.73
N LYS A 81 9.62 -12.40 -22.99
CA LYS A 81 8.17 -12.48 -22.86
C LYS A 81 7.66 -11.15 -22.28
N LYS A 82 8.37 -10.67 -21.27
CA LYS A 82 8.01 -9.43 -20.60
C LYS A 82 8.17 -8.20 -21.50
N VAL A 83 9.24 -8.13 -22.28
CA VAL A 83 9.46 -6.99 -23.18
C VAL A 83 8.36 -6.87 -24.25
N GLN A 84 7.72 -7.99 -24.58
CA GLN A 84 6.67 -7.99 -25.59
C GLN A 84 5.43 -7.21 -25.15
N ASP A 85 5.34 -6.94 -23.84
CA ASP A 85 4.22 -6.21 -23.28
C ASP A 85 4.61 -4.73 -23.35
N LEU A 86 3.97 -3.98 -24.24
CA LEU A 86 4.27 -2.56 -24.41
C LEU A 86 3.53 -1.66 -23.44
N GLU A 87 2.60 -2.25 -22.68
CA GLU A 87 1.78 -1.51 -21.74
C GLU A 87 1.25 -0.24 -22.45
N ARG A 88 1.37 0.96 -21.90
CA ARG A 88 0.81 2.14 -22.60
C ARG A 88 1.37 2.46 -23.99
N ALA A 89 2.60 2.04 -24.26
CA ALA A 89 3.23 2.31 -25.55
C ALA A 89 2.57 1.62 -26.74
N ALA A 90 1.60 0.75 -26.48
CA ALA A 90 0.91 0.06 -27.56
C ALA A 90 -0.14 0.94 -28.23
N LEU A 91 -0.58 1.98 -27.52
CA LEU A 91 -1.58 2.91 -28.03
C LEU A 91 -1.06 3.77 -29.18
N PRO A 92 -1.95 4.14 -30.10
CA PRO A 92 -1.54 4.99 -31.23
C PRO A 92 -1.06 6.33 -30.64
N ALA A 93 -0.11 6.97 -31.32
CA ALA A 93 0.44 8.24 -30.85
C ALA A 93 -0.57 9.20 -30.20
N GLN A 94 -1.69 9.44 -30.87
CA GLN A 94 -2.70 10.35 -30.33
C GLN A 94 -3.34 9.88 -29.02
N GLU A 95 -3.63 8.59 -28.93
CA GLU A 95 -4.23 8.04 -27.72
C GLU A 95 -3.20 8.01 -26.58
N LEU A 96 -1.94 7.81 -26.93
CA LEU A 96 -0.88 7.76 -25.93
C LEU A 96 -0.71 9.11 -25.24
N GLU A 97 -0.61 10.17 -26.03
CA GLU A 97 -0.44 11.52 -25.51
C GLU A 97 -1.64 11.92 -24.66
N GLU A 98 -2.83 11.53 -25.10
CA GLU A 98 -4.04 11.87 -24.36
C GLU A 98 -4.12 11.09 -23.06
N TYR A 99 -3.68 9.84 -23.10
CA TYR A 99 -3.69 9.01 -21.91
C TYR A 99 -2.64 9.56 -20.93
N ASN A 100 -1.47 9.90 -21.44
CA ASN A 100 -0.40 10.43 -20.59
C ASN A 100 -0.83 11.71 -19.88
N LYS A 101 -1.59 12.55 -20.56
CA LYS A 101 -2.04 13.81 -19.99
C LYS A 101 -3.09 13.55 -18.91
N ILE A 102 -4.03 12.65 -19.20
CA ILE A 102 -5.07 12.31 -18.24
C ILE A 102 -4.46 11.81 -16.94
N LEU A 103 -3.42 10.98 -17.04
CA LEU A 103 -2.77 10.44 -15.85
C LEU A 103 -2.08 11.56 -15.07
N LEU A 104 -1.48 12.50 -15.80
CA LEU A 104 -0.80 13.62 -15.18
C LEU A 104 -1.81 14.50 -14.48
N ASP A 105 -2.91 14.80 -15.18
CA ASP A 105 -3.96 15.64 -14.62
C ASP A 105 -4.61 15.05 -13.36
N MET A 106 -4.90 13.74 -13.38
CA MET A 106 -5.50 13.10 -12.22
C MET A 106 -4.55 13.18 -11.02
N GLU A 107 -3.30 12.81 -11.23
CA GLU A 107 -2.31 12.85 -10.15
C GLU A 107 -2.14 14.26 -9.57
N THR A 108 -2.06 15.27 -10.43
CA THR A 108 -1.91 16.64 -9.98
C THR A 108 -3.14 17.11 -9.21
N THR A 109 -4.33 16.83 -9.75
CA THR A 109 -5.58 17.21 -9.12
C THR A 109 -5.67 16.64 -7.70
N TYR A 110 -5.31 15.37 -7.54
CA TYR A 110 -5.34 14.73 -6.23
C TYR A 110 -4.35 15.36 -5.26
N SER A 111 -3.11 15.53 -5.72
CA SER A 111 -2.04 16.08 -4.89
C SER A 111 -2.08 17.57 -4.55
N VAL A 112 -2.93 18.35 -5.23
CA VAL A 112 -3.00 19.77 -4.92
C VAL A 112 -4.35 20.18 -4.37
N ALA A 113 -5.28 19.23 -4.29
CA ALA A 113 -6.62 19.53 -3.78
C ALA A 113 -6.60 20.02 -2.33
N THR A 114 -7.51 20.93 -1.98
CA THR A 114 -7.60 21.46 -0.62
C THR A 114 -9.04 21.67 -0.19
N VAL A 115 -9.27 21.61 1.12
CA VAL A 115 -10.61 21.81 1.67
C VAL A 115 -10.55 23.06 2.54
N CYS A 116 -11.30 24.10 2.17
CA CYS A 116 -11.26 25.36 2.89
C CYS A 116 -12.50 25.75 3.68
N HIS A 117 -12.27 26.45 4.78
CA HIS A 117 -13.36 26.95 5.61
C HIS A 117 -13.70 28.32 5.08
N PRO A 118 -15.00 28.64 4.92
CA PRO A 118 -15.37 29.96 4.42
C PRO A 118 -14.57 31.04 5.13
N GLN A 119 -13.94 31.91 4.34
CA GLN A 119 -13.15 33.01 4.90
C GLN A 119 -12.22 32.61 6.05
N GLY A 120 -11.50 31.50 5.84
CA GLY A 120 -10.56 31.01 6.84
C GLY A 120 -9.44 30.18 6.26
N SER A 121 -9.09 29.09 6.95
CA SER A 121 -8.00 28.24 6.47
C SER A 121 -8.38 27.14 5.48
N CYS A 122 -7.41 26.84 4.62
CA CYS A 122 -7.54 25.80 3.61
C CYS A 122 -6.65 24.67 4.08
N LEU A 123 -7.20 23.47 4.14
CA LEU A 123 -6.45 22.31 4.61
C LEU A 123 -6.07 21.37 3.46
N GLN A 124 -4.89 20.80 3.57
CA GLN A 124 -4.38 19.83 2.61
C GLN A 124 -4.53 18.47 3.24
N LEU A 125 -4.54 17.42 2.43
CA LEU A 125 -4.69 16.07 2.98
C LEU A 125 -3.56 15.79 3.96
N GLU A 126 -2.33 16.01 3.53
CA GLU A 126 -1.18 15.79 4.40
C GLU A 126 -0.52 17.14 4.70
N PRO A 127 -0.39 17.48 5.98
CA PRO A 127 -0.80 16.71 7.15
C PRO A 127 -2.12 17.10 7.82
N ASP A 128 -2.74 18.17 7.33
CA ASP A 128 -3.95 18.72 7.97
C ASP A 128 -5.15 17.79 8.10
N LEU A 129 -5.75 17.43 6.98
CA LEU A 129 -6.94 16.58 7.00
C LEU A 129 -6.70 15.22 7.66
N THR A 130 -5.54 14.61 7.42
CA THR A 130 -5.27 13.30 8.00
C THR A 130 -5.17 13.45 9.52
N ASN A 131 -4.65 14.57 9.97
N ASN A 131 -4.65 14.57 9.97
CA ASN A 131 -4.52 14.83 11.40
CA ASN A 131 -4.53 14.82 11.40
C ASN A 131 -5.89 14.97 12.04
C ASN A 131 -5.90 14.97 12.04
N VAL A 132 -6.80 15.64 11.33
CA VAL A 132 -8.16 15.83 11.84
C VAL A 132 -8.86 14.49 11.96
N MET A 133 -8.79 13.68 10.91
CA MET A 133 -9.42 12.37 10.91
C MET A 133 -8.84 11.51 12.03
N ALA A 134 -7.55 11.68 12.31
CA ALA A 134 -6.90 10.88 13.34
C ALA A 134 -7.07 11.36 14.79
N THR A 135 -7.30 12.65 14.99
CA THR A 135 -7.41 13.15 16.35
C THR A 135 -8.77 13.68 16.79
N SER A 136 -9.57 14.20 15.87
CA SER A 136 -10.85 14.73 16.27
C SER A 136 -11.78 13.65 16.77
N ARG A 137 -12.53 13.96 17.82
CA ARG A 137 -13.50 13.02 18.38
C ARG A 137 -14.88 13.67 18.33
N LYS A 138 -15.04 14.65 17.43
CA LYS A 138 -16.32 15.34 17.26
C LYS A 138 -16.94 14.94 15.93
N TYR A 139 -18.11 14.32 15.99
CA TYR A 139 -18.83 13.84 14.80
C TYR A 139 -18.90 14.85 13.65
N GLU A 140 -19.29 16.09 13.95
CA GLU A 140 -19.40 17.10 12.91
C GLU A 140 -18.06 17.52 12.30
N ASP A 141 -17.01 17.63 13.11
CA ASP A 141 -15.71 18.00 12.58
C ASP A 141 -15.16 16.90 11.67
N LEU A 142 -15.35 15.65 12.07
CA LEU A 142 -14.88 14.54 11.27
C LEU A 142 -15.65 14.52 9.95
N LEU A 143 -16.95 14.77 10.04
CA LEU A 143 -17.82 14.78 8.87
C LEU A 143 -17.35 15.84 7.88
N TRP A 144 -17.13 17.05 8.37
CA TRP A 144 -16.68 18.16 7.53
C TRP A 144 -15.45 17.76 6.69
N ALA A 145 -14.43 17.24 7.35
CA ALA A 145 -13.20 16.83 6.67
C ALA A 145 -13.43 15.65 5.72
N TRP A 146 -14.27 14.70 6.14
CA TRP A 146 -14.56 13.52 5.32
C TRP A 146 -15.29 13.91 4.03
N GLU A 147 -16.40 14.63 4.16
N GLU A 147 -16.39 14.64 4.16
CA GLU A 147 -17.19 15.06 3.00
CA GLU A 147 -17.14 15.03 2.98
C GLU A 147 -16.47 16.10 2.14
C GLU A 147 -16.44 16.08 2.14
N GLY A 148 -15.72 16.98 2.79
CA GLY A 148 -15.00 18.00 2.07
C GLY A 148 -13.91 17.42 1.19
N TRP A 149 -13.18 16.46 1.73
CA TRP A 149 -12.12 15.84 0.96
C TRP A 149 -12.68 15.15 -0.27
N ARG A 150 -13.86 14.56 -0.16
CA ARG A 150 -14.46 13.89 -1.30
C ARG A 150 -15.05 14.89 -2.31
N ASP A 151 -15.58 16.01 -1.81
CA ASP A 151 -16.15 17.01 -2.70
C ASP A 151 -15.06 17.64 -3.55
N LYS A 152 -13.93 17.98 -2.92
CA LYS A 152 -12.83 18.62 -3.63
C LYS A 152 -11.94 17.70 -4.46
N ALA A 153 -11.48 16.59 -3.87
CA ALA A 153 -10.63 15.67 -4.61
C ALA A 153 -11.44 14.66 -5.41
N GLY A 154 -12.36 13.96 -4.75
CA GLY A 154 -13.18 12.97 -5.43
C GLY A 154 -13.92 13.48 -6.66
N ARG A 155 -14.81 14.45 -6.45
CA ARG A 155 -15.60 15.01 -7.55
C ARG A 155 -14.71 15.47 -8.69
N ALA A 156 -13.56 16.01 -8.34
CA ALA A 156 -12.61 16.51 -9.34
C ALA A 156 -11.96 15.45 -10.22
N ILE A 157 -12.00 14.19 -9.81
CA ILE A 157 -11.39 13.15 -10.62
C ILE A 157 -12.40 12.54 -11.59
N LEU A 158 -13.68 12.65 -11.26
CA LEU A 158 -14.73 12.08 -12.11
C LEU A 158 -14.61 12.42 -13.59
N GLN A 159 -14.43 13.70 -13.90
CA GLN A 159 -14.35 14.12 -15.29
C GLN A 159 -13.28 13.38 -16.10
N PHE A 160 -12.26 12.87 -15.42
CA PHE A 160 -11.19 12.17 -16.14
C PHE A 160 -11.31 10.65 -16.17
N TYR A 161 -11.93 10.07 -15.16
CA TYR A 161 -11.96 8.61 -15.05
C TYR A 161 -12.55 7.83 -16.22
N PRO A 162 -13.71 8.19 -16.79
CA PRO A 162 -14.23 7.37 -17.89
C PRO A 162 -13.25 7.25 -19.05
N LYS A 163 -12.62 8.36 -19.44
CA LYS A 163 -11.67 8.34 -20.55
C LYS A 163 -10.44 7.50 -20.18
N TYR A 164 -10.04 7.60 -18.91
CA TYR A 164 -8.91 6.84 -18.38
C TYR A 164 -9.17 5.34 -18.52
N VAL A 165 -10.37 4.90 -18.14
CA VAL A 165 -10.71 3.48 -18.23
C VAL A 165 -10.71 3.06 -19.70
N GLU A 166 -11.33 3.88 -20.54
CA GLU A 166 -11.38 3.59 -21.96
C GLU A 166 -9.98 3.35 -22.52
N LEU A 167 -9.06 4.26 -22.23
CA LEU A 167 -7.69 4.17 -22.74
C LEU A 167 -6.78 3.10 -22.11
N ILE A 168 -6.83 2.90 -20.80
CA ILE A 168 -5.97 1.89 -20.20
C ILE A 168 -6.46 0.50 -20.66
N ASN A 169 -7.77 0.36 -20.85
CA ASN A 169 -8.34 -0.90 -21.35
C ASN A 169 -7.86 -1.13 -22.78
N GLN A 170 -7.95 -0.08 -23.61
CA GLN A 170 -7.52 -0.17 -25.01
C GLN A 170 -6.07 -0.66 -25.08
N ALA A 171 -5.21 -0.09 -24.24
CA ALA A 171 -3.81 -0.47 -24.19
C ALA A 171 -3.66 -1.95 -23.85
N ALA A 172 -4.42 -2.42 -22.86
CA ALA A 172 -4.36 -3.80 -22.43
C ALA A 172 -4.75 -4.74 -23.56
N ARG A 173 -5.83 -4.41 -24.26
CA ARG A 173 -6.27 -5.23 -25.37
C ARG A 173 -5.17 -5.32 -26.42
N LEU A 174 -4.57 -4.17 -26.74
CA LEU A 174 -3.50 -4.16 -27.73
C LEU A 174 -2.32 -5.02 -27.26
N ASN A 175 -2.25 -5.29 -25.96
CA ASN A 175 -1.17 -6.11 -25.43
C ASN A 175 -1.58 -7.56 -25.24
N GLY A 176 -2.75 -7.93 -25.74
CA GLY A 176 -3.20 -9.30 -25.63
C GLY A 176 -4.11 -9.61 -24.46
N TYR A 177 -4.35 -8.63 -23.60
CA TYR A 177 -5.23 -8.87 -22.47
C TYR A 177 -6.67 -8.52 -22.82
N VAL A 178 -7.58 -8.85 -21.92
CA VAL A 178 -9.00 -8.60 -22.11
C VAL A 178 -9.41 -7.20 -21.64
N ASP A 179 -8.77 -6.72 -20.59
CA ASP A 179 -9.03 -5.39 -20.06
C ASP A 179 -7.86 -5.08 -19.15
N ALA A 180 -7.82 -3.88 -18.58
CA ALA A 180 -6.70 -3.51 -17.72
C ALA A 180 -6.61 -4.37 -16.45
N GLY A 181 -7.77 -4.78 -15.93
CA GLY A 181 -7.78 -5.61 -14.73
C GLY A 181 -7.10 -6.94 -14.98
N ASP A 182 -7.37 -7.50 -16.16
CA ASP A 182 -6.79 -8.79 -16.53
C ASP A 182 -5.27 -8.64 -16.61
N SER A 183 -4.83 -7.49 -17.12
CA SER A 183 -3.41 -7.21 -17.25
C SER A 183 -2.74 -7.08 -15.86
N TRP A 184 -3.40 -6.37 -14.94
CA TRP A 184 -2.83 -6.21 -13.61
C TRP A 184 -2.67 -7.54 -12.89
N ARG A 185 -3.68 -8.39 -13.00
CA ARG A 185 -3.65 -9.69 -12.34
C ARG A 185 -2.54 -10.61 -12.84
N SER A 186 -2.19 -10.49 -14.13
CA SER A 186 -1.16 -11.34 -14.71
C SER A 186 0.19 -11.13 -14.03
N MET A 187 0.32 -10.04 -13.27
CA MET A 187 1.57 -9.78 -12.58
C MET A 187 1.90 -10.86 -11.59
N TYR A 188 0.89 -11.61 -11.13
CA TYR A 188 1.11 -12.66 -10.15
C TYR A 188 1.24 -14.05 -10.77
N GLU A 189 1.28 -14.07 -12.10
CA GLU A 189 1.43 -15.31 -12.86
C GLU A 189 0.77 -16.47 -12.12
N THR A 190 -0.49 -16.28 -11.73
CA THR A 190 -1.20 -17.32 -10.99
C THR A 190 -2.66 -17.46 -11.45
N PRO A 191 -2.96 -18.51 -12.22
CA PRO A 191 -4.31 -18.79 -12.74
C PRO A 191 -5.42 -18.80 -11.70
N SER A 192 -5.12 -19.27 -10.50
CA SER A 192 -6.12 -19.35 -9.43
C SER A 192 -6.18 -18.13 -8.51
N LEU A 193 -5.51 -17.05 -8.90
CA LEU A 193 -5.47 -15.84 -8.09
C LEU A 193 -6.77 -15.39 -7.44
N GLU A 194 -7.82 -15.19 -8.24
CA GLU A 194 -9.08 -14.71 -7.69
C GLU A 194 -9.66 -15.63 -6.63
N GLN A 195 -9.70 -16.93 -6.89
CA GLN A 195 -10.22 -17.87 -5.90
C GLN A 195 -9.28 -17.94 -4.70
N ASP A 196 -7.98 -17.92 -4.95
CA ASP A 196 -7.00 -17.96 -3.85
C ASP A 196 -7.15 -16.75 -2.93
N LEU A 197 -7.40 -15.58 -3.50
CA LEU A 197 -7.55 -14.38 -2.68
C LEU A 197 -8.86 -14.43 -1.91
N GLU A 198 -9.92 -14.87 -2.57
CA GLU A 198 -11.24 -14.98 -1.96
C GLU A 198 -11.17 -15.86 -0.71
N ARG A 199 -10.48 -16.99 -0.82
CA ARG A 199 -10.34 -17.90 0.30
C ARG A 199 -9.58 -17.23 1.45
N LEU A 200 -8.51 -16.53 1.16
CA LEU A 200 -7.76 -15.85 2.22
C LEU A 200 -8.67 -14.85 2.92
N PHE A 201 -9.43 -14.08 2.13
CA PHE A 201 -10.33 -13.10 2.71
C PHE A 201 -11.38 -13.73 3.62
N GLN A 202 -11.91 -14.87 3.20
CA GLN A 202 -12.93 -15.58 3.98
C GLN A 202 -12.37 -16.06 5.31
N GLU A 203 -11.09 -16.39 5.32
CA GLU A 203 -10.46 -16.89 6.53
C GLU A 203 -10.29 -15.85 7.61
N LEU A 204 -10.22 -14.58 7.22
CA LEU A 204 -10.04 -13.52 8.19
C LEU A 204 -11.36 -12.86 8.58
N GLN A 205 -12.47 -13.48 8.18
CA GLN A 205 -13.80 -12.95 8.48
C GLN A 205 -14.20 -13.07 9.94
N PRO A 206 -13.91 -14.21 10.59
CA PRO A 206 -14.31 -14.26 12.00
C PRO A 206 -13.61 -13.18 12.81
N LEU A 207 -12.33 -12.98 12.50
CA LEU A 207 -11.52 -11.99 13.19
C LEU A 207 -12.00 -10.57 12.87
N TYR A 208 -12.30 -10.29 11.61
CA TYR A 208 -12.77 -8.94 11.26
C TYR A 208 -14.15 -8.63 11.83
N LEU A 209 -15.08 -9.58 11.70
CA LEU A 209 -16.43 -9.39 12.23
C LEU A 209 -16.41 -9.15 13.75
N ASN A 210 -15.54 -9.84 14.45
CA ASN A 210 -15.43 -9.66 15.89
C ASN A 210 -14.81 -8.32 16.25
N LEU A 211 -13.78 -7.91 15.50
CA LEU A 211 -13.14 -6.63 15.75
C LEU A 211 -14.17 -5.54 15.43
N HIS A 212 -14.84 -5.70 14.29
CA HIS A 212 -15.85 -4.77 13.84
C HIS A 212 -16.97 -4.56 14.87
N ALA A 213 -17.54 -5.64 15.36
CA ALA A 213 -18.61 -5.56 16.36
C ALA A 213 -18.12 -4.88 17.62
N TYR A 214 -16.91 -5.22 18.04
CA TYR A 214 -16.31 -4.64 19.24
C TYR A 214 -16.10 -3.12 19.10
N VAL A 215 -15.50 -2.70 17.99
CA VAL A 215 -15.27 -1.29 17.75
C VAL A 215 -16.61 -0.54 17.67
N ARG A 216 -17.59 -1.14 16.99
CA ARG A 216 -18.92 -0.55 16.86
C ARG A 216 -19.50 -0.24 18.24
N ARG A 217 -19.41 -1.21 19.15
CA ARG A 217 -19.92 -1.03 20.51
C ARG A 217 -19.26 0.19 21.18
N ALA A 218 -17.94 0.32 21.00
CA ALA A 218 -17.20 1.43 21.58
C ALA A 218 -17.58 2.78 20.96
N LEU A 219 -17.83 2.78 19.65
CA LEU A 219 -18.21 4.01 18.98
C LEU A 219 -19.61 4.39 19.46
N HIS A 220 -20.40 3.37 19.78
CA HIS A 220 -21.76 3.57 20.28
C HIS A 220 -21.67 4.27 21.65
N ARG A 221 -20.65 3.91 22.41
CA ARG A 221 -20.43 4.48 23.74
C ARG A 221 -20.03 5.96 23.66
N HIS A 222 -19.09 6.29 22.77
CA HIS A 222 -18.61 7.66 22.64
C HIS A 222 -19.47 8.60 21.79
N TYR A 223 -19.99 8.10 20.68
CA TYR A 223 -20.79 8.95 19.79
C TYR A 223 -22.29 8.94 20.00
N GLY A 224 -22.77 8.12 20.93
CA GLY A 224 -24.20 8.09 21.23
C GLY A 224 -25.00 7.03 20.51
N ALA A 225 -26.06 6.56 21.16
CA ALA A 225 -26.91 5.53 20.58
C ALA A 225 -27.66 6.08 19.39
N GLN A 226 -27.88 7.39 19.37
CA GLN A 226 -28.59 8.04 18.28
C GLN A 226 -27.79 8.06 16.99
N HIS A 227 -26.49 7.78 17.07
CA HIS A 227 -25.63 7.80 15.88
C HIS A 227 -24.95 6.49 15.50
N ILE A 228 -25.12 5.46 16.31
CA ILE A 228 -24.50 4.17 16.02
C ILE A 228 -25.52 3.04 16.16
N ASN A 229 -25.79 2.35 15.06
CA ASN A 229 -26.72 1.22 15.07
C ASN A 229 -25.92 -0.05 15.40
N LEU A 230 -26.19 -0.63 16.57
CA LEU A 230 -25.48 -1.82 17.02
C LEU A 230 -25.66 -3.06 16.14
N GLU A 231 -26.46 -2.94 15.09
CA GLU A 231 -26.67 -4.06 14.18
C GLU A 231 -26.54 -3.57 12.76
N GLY A 232 -25.90 -2.42 12.59
CA GLY A 232 -25.73 -1.88 11.25
C GLY A 232 -24.29 -1.56 10.93
N PRO A 233 -24.05 -1.01 9.74
CA PRO A 233 -22.68 -0.66 9.34
C PRO A 233 -22.20 0.56 10.15
N ILE A 234 -20.89 0.78 10.16
CA ILE A 234 -20.31 1.90 10.91
C ILE A 234 -20.12 3.12 10.03
N PRO A 235 -20.51 4.32 10.53
CA PRO A 235 -20.30 5.53 9.76
C PRO A 235 -18.82 5.59 9.36
N ALA A 236 -18.53 5.69 8.06
CA ALA A 236 -17.17 5.65 7.55
C ALA A 236 -16.20 6.78 7.98
N HIS A 237 -16.65 7.80 8.68
CA HIS A 237 -15.75 8.92 9.04
C HIS A 237 -15.27 8.85 10.52
N LEU A 238 -15.63 7.76 11.19
CA LEU A 238 -15.28 7.60 12.60
C LEU A 238 -14.11 6.67 12.95
N LEU A 239 -13.42 6.13 11.97
CA LEU A 239 -12.35 5.17 12.28
C LEU A 239 -10.92 5.68 12.45
N GLY A 240 -10.74 7.00 12.45
CA GLY A 240 -9.42 7.57 12.65
C GLY A 240 -8.56 7.73 11.41
N ASN A 241 -9.10 7.33 10.27
CA ASN A 241 -8.38 7.40 9.00
C ASN A 241 -9.34 7.88 7.91
N MET A 242 -8.80 8.62 6.97
CA MET A 242 -9.60 9.14 5.87
C MET A 242 -10.47 8.09 5.13
N TRP A 243 -9.95 6.90 4.90
CA TRP A 243 -10.69 5.87 4.16
C TRP A 243 -11.11 4.72 5.04
N ALA A 244 -10.97 4.90 6.36
CA ALA A 244 -11.29 3.87 7.32
C ALA A 244 -10.58 2.58 6.89
N GLN A 245 -9.34 2.69 6.42
CA GLN A 245 -8.59 1.53 5.96
C GLN A 245 -7.79 0.93 7.11
N THR A 246 -7.44 1.79 8.07
CA THR A 246 -6.72 1.38 9.30
C THR A 246 -7.39 2.16 10.45
N TRP A 247 -7.60 1.49 11.58
CA TRP A 247 -8.29 2.10 12.71
C TRP A 247 -7.48 2.40 13.97
N SER A 248 -6.19 2.11 13.97
CA SER A 248 -5.40 2.35 15.18
C SER A 248 -5.49 3.75 15.79
N ASN A 249 -5.82 4.76 14.99
CA ASN A 249 -5.92 6.10 15.54
C ASN A 249 -7.08 6.32 16.51
N ILE A 250 -7.99 5.36 16.60
CA ILE A 250 -9.08 5.50 17.57
C ILE A 250 -8.91 4.48 18.69
N TYR A 251 -7.68 4.04 18.88
CA TYR A 251 -7.33 3.08 19.92
C TYR A 251 -7.82 3.60 21.29
N ASP A 252 -7.65 4.90 21.52
CA ASP A 252 -8.06 5.52 22.79
C ASP A 252 -9.54 5.30 23.10
N LEU A 253 -10.34 5.07 22.08
CA LEU A 253 -11.79 4.85 22.26
C LEU A 253 -12.15 3.38 22.44
N VAL A 254 -11.19 2.48 22.19
CA VAL A 254 -11.47 1.05 22.30
C VAL A 254 -10.56 0.25 23.24
N VAL A 255 -9.65 0.94 23.92
CA VAL A 255 -8.71 0.31 24.85
C VAL A 255 -9.34 -0.80 25.69
N PRO A 256 -8.97 -2.06 25.44
CA PRO A 256 -9.55 -3.17 26.21
C PRO A 256 -9.35 -3.01 27.72
N PHE A 257 -8.12 -2.68 28.12
CA PHE A 257 -7.81 -2.50 29.54
C PHE A 257 -7.20 -1.12 29.79
N PRO A 258 -8.06 -0.10 29.93
CA PRO A 258 -7.65 1.29 30.16
C PRO A 258 -6.69 1.50 31.32
N SER A 259 -6.66 0.57 32.26
CA SER A 259 -5.78 0.72 33.41
C SER A 259 -4.33 0.43 33.06
N ALA A 260 -4.10 -0.47 32.11
CA ALA A 260 -2.75 -0.85 31.71
C ALA A 260 -1.87 0.35 31.32
N PRO A 261 -0.54 0.20 31.48
CA PRO A 261 0.44 1.25 31.16
C PRO A 261 0.37 1.64 29.68
N SER A 262 0.20 2.94 29.45
CA SER A 262 0.05 3.50 28.11
C SER A 262 1.13 3.10 27.12
N MET A 263 0.83 3.35 25.84
CA MET A 263 1.81 3.06 24.81
C MET A 263 1.78 4.15 23.74
N ASP A 264 1.56 5.39 24.18
CA ASP A 264 1.54 6.56 23.30
C ASP A 264 3.03 6.87 23.10
N THR A 265 3.40 7.21 21.87
CA THR A 265 4.81 7.48 21.63
C THR A 265 5.02 8.86 21.01
N THR A 266 3.96 9.48 20.48
CA THR A 266 4.16 10.78 19.82
C THR A 266 4.83 11.78 20.72
N GLU A 267 4.21 12.10 21.85
CA GLU A 267 4.84 13.09 22.75
C GLU A 267 6.28 12.74 23.06
N ALA A 268 6.56 11.43 23.14
CA ALA A 268 7.92 10.98 23.43
C ALA A 268 8.86 11.23 22.24
N MET A 269 8.40 10.94 21.04
CA MET A 269 9.23 11.16 19.85
C MET A 269 9.53 12.65 19.69
N LEU A 270 8.50 13.46 19.84
CA LEU A 270 8.68 14.91 19.73
C LEU A 270 9.64 15.42 20.80
N LYS A 271 9.29 15.20 22.08
CA LYS A 271 10.13 15.68 23.17
C LYS A 271 11.58 15.23 23.03
N GLN A 272 11.79 13.98 22.66
CA GLN A 272 13.14 13.46 22.54
C GLN A 272 13.83 13.82 21.23
N GLY A 273 13.30 14.81 20.55
CA GLY A 273 13.86 15.37 19.33
C GLY A 273 13.88 14.48 18.07
N TRP A 274 12.91 13.59 17.91
CA TRP A 274 12.89 12.78 16.69
C TRP A 274 12.51 13.67 15.53
N THR A 275 13.07 13.37 14.37
CA THR A 275 12.81 14.14 13.15
C THR A 275 12.64 13.12 12.01
N PRO A 276 12.07 13.55 10.88
CA PRO A 276 11.91 12.60 9.77
C PRO A 276 13.24 11.86 9.56
N ARG A 277 14.32 12.65 9.51
N ARG A 277 14.32 12.64 9.52
CA ARG A 277 15.67 12.12 9.34
CA ARG A 277 15.66 12.11 9.31
C ARG A 277 15.97 10.96 10.29
C ARG A 277 15.98 10.99 10.28
N ARG A 278 15.80 11.26 11.57
CA ARG A 278 16.07 10.26 12.60
C ARG A 278 15.17 9.04 12.40
N MET A 279 13.95 9.27 11.93
CA MET A 279 13.01 8.17 11.69
C MET A 279 13.52 7.23 10.59
N PHE A 280 14.08 7.78 9.52
CA PHE A 280 14.59 6.93 8.45
C PHE A 280 15.91 6.27 8.86
N LYS A 281 16.72 6.99 9.63
CA LYS A 281 17.99 6.43 10.09
C LYS A 281 17.70 5.18 10.92
N GLU A 282 16.69 5.25 11.78
CA GLU A 282 16.33 4.12 12.63
C GLU A 282 15.86 2.94 11.78
N ALA A 283 15.19 3.21 10.67
CA ALA A 283 14.74 2.12 9.81
C ALA A 283 15.97 1.49 9.17
N ASP A 284 16.90 2.33 8.74
CA ASP A 284 18.12 1.87 8.11
C ASP A 284 18.92 1.00 9.08
N ASP A 285 18.98 1.41 10.33
N ASP A 285 18.98 1.42 10.34
CA ASP A 285 19.70 0.67 11.37
CA ASP A 285 19.70 0.67 11.36
C ASP A 285 19.06 -0.69 11.64
C ASP A 285 19.06 -0.69 11.64
N PHE A 286 17.73 -0.75 11.56
CA PHE A 286 17.03 -2.01 11.80
C PHE A 286 17.43 -2.95 10.67
N PHE A 287 17.48 -2.43 9.44
CA PHE A 287 17.87 -3.28 8.32
C PHE A 287 19.31 -3.79 8.48
N THR A 288 20.25 -2.88 8.74
CA THR A 288 21.63 -3.32 8.91
C THR A 288 21.77 -4.24 10.12
N SER A 289 20.89 -4.08 11.10
CA SER A 289 20.97 -4.94 12.29
C SER A 289 20.70 -6.39 11.90
N LEU A 290 19.98 -6.57 10.79
CA LEU A 290 19.65 -7.90 10.29
C LEU A 290 20.71 -8.40 9.32
N GLY A 291 21.76 -7.60 9.13
CA GLY A 291 22.81 -7.99 8.22
C GLY A 291 22.44 -7.57 6.80
N LEU A 292 21.41 -6.75 6.69
CA LEU A 292 20.98 -6.29 5.37
C LEU A 292 21.71 -5.03 4.94
N LEU A 293 21.48 -4.62 3.70
CA LEU A 293 22.15 -3.47 3.12
C LEU A 293 21.74 -2.10 3.63
N PRO A 294 22.73 -1.21 3.86
CA PRO A 294 22.46 0.14 4.33
C PRO A 294 22.20 0.99 3.09
N VAL A 295 21.39 2.04 3.21
CA VAL A 295 21.13 2.87 2.04
C VAL A 295 22.42 3.64 1.74
N PRO A 296 22.68 3.94 0.44
CA PRO A 296 23.90 4.66 0.07
C PRO A 296 23.93 6.11 0.51
N PRO A 297 25.14 6.63 0.77
CA PRO A 297 25.31 8.03 1.20
C PRO A 297 24.46 8.96 0.32
N GLU A 298 24.33 8.60 -0.96
CA GLU A 298 23.56 9.38 -1.92
C GLU A 298 22.08 9.49 -1.56
N PHE A 299 21.54 8.45 -0.93
CA PHE A 299 20.14 8.41 -0.52
C PHE A 299 19.78 9.61 0.36
N TRP A 300 20.62 9.86 1.36
CA TRP A 300 20.40 10.97 2.28
C TRP A 300 20.50 12.33 1.62
N GLN A 301 21.31 12.41 0.56
CA GLN A 301 21.50 13.66 -0.15
C GLN A 301 20.38 14.01 -1.13
N LYS A 302 19.76 13.01 -1.76
CA LYS A 302 18.73 13.28 -2.80
C LYS A 302 17.28 13.03 -2.42
N SER A 303 17.06 12.33 -1.36
CA SER A 303 15.69 12.02 -0.94
C SER A 303 14.97 13.25 -0.39
N MET A 304 13.66 13.24 -0.51
CA MET A 304 12.80 14.26 0.04
C MET A 304 12.08 13.61 1.21
N LEU A 305 12.66 13.69 2.41
CA LEU A 305 12.08 13.05 3.57
C LEU A 305 11.03 13.86 4.33
N GLU A 306 10.75 15.07 3.87
CA GLU A 306 9.73 15.89 4.52
C GLU A 306 9.12 16.87 3.51
N LYS A 307 7.91 17.32 3.79
CA LYS A 307 7.22 18.26 2.92
C LYS A 307 7.99 19.56 2.86
N PRO A 308 8.36 20.00 1.65
CA PRO A 308 9.12 21.25 1.49
C PRO A 308 8.43 22.47 2.11
N THR A 309 9.24 23.41 2.59
CA THR A 309 8.70 24.62 3.17
C THR A 309 9.12 25.81 2.33
N ASP A 310 9.45 25.56 1.07
CA ASP A 310 9.83 26.65 0.18
C ASP A 310 8.70 26.96 -0.79
N GLY A 311 7.49 26.57 -0.42
CA GLY A 311 6.33 26.83 -1.26
C GLY A 311 6.23 25.96 -2.50
N ARG A 312 6.99 24.87 -2.54
CA ARG A 312 6.95 23.96 -3.68
C ARG A 312 5.71 23.09 -3.47
N GLU A 313 5.01 22.79 -4.57
CA GLU A 313 3.83 21.93 -4.50
C GLU A 313 4.36 20.54 -4.84
N VAL A 314 4.10 19.55 -3.97
CA VAL A 314 4.60 18.20 -4.21
C VAL A 314 3.55 17.11 -4.05
N VAL A 315 3.89 15.92 -4.55
CA VAL A 315 3.05 14.76 -4.40
C VAL A 315 3.46 14.17 -3.05
N CYS A 316 2.62 14.36 -2.03
CA CYS A 316 2.94 13.87 -0.69
C CYS A 316 2.86 12.37 -0.46
N HIS A 317 1.90 11.71 -1.10
CA HIS A 317 1.80 10.28 -0.91
C HIS A 317 3.16 9.60 -1.02
N ALA A 318 3.56 8.95 0.06
CA ALA A 318 4.84 8.26 0.14
C ALA A 318 5.12 7.25 -0.99
N SER A 319 6.38 7.22 -1.42
CA SER A 319 6.83 6.32 -2.48
C SER A 319 8.36 6.15 -2.48
N ALA A 320 8.81 4.97 -2.90
CA ALA A 320 10.24 4.67 -2.97
C ALA A 320 10.62 4.64 -4.45
N TRP A 321 11.79 5.17 -4.77
CA TRP A 321 12.24 5.27 -6.15
C TRP A 321 13.55 4.59 -6.54
N ASP A 322 13.50 3.83 -7.62
CA ASP A 322 14.68 3.15 -8.14
C ASP A 322 15.01 3.92 -9.43
N PHE A 323 16.23 4.43 -9.54
CA PHE A 323 16.60 5.18 -10.74
C PHE A 323 17.36 4.35 -11.78
N TYR A 324 17.29 3.03 -11.61
CA TYR A 324 17.90 2.05 -12.53
C TYR A 324 19.35 2.21 -12.93
N ASN A 325 20.22 2.43 -11.96
CA ASN A 325 21.64 2.56 -12.22
C ASN A 325 22.35 1.86 -11.08
N GLY A 326 21.54 1.23 -10.23
CA GLY A 326 22.07 0.50 -9.09
C GLY A 326 22.78 1.31 -8.02
N LYS A 327 22.68 2.63 -8.06
CA LYS A 327 23.35 3.47 -7.07
C LYS A 327 22.45 4.54 -6.48
N ASP A 328 21.51 5.02 -7.27
CA ASP A 328 20.61 6.08 -6.85
C ASP A 328 19.22 5.53 -6.52
N PHE A 329 18.86 5.61 -5.24
CA PHE A 329 17.55 5.18 -4.77
C PHE A 329 17.10 6.28 -3.82
N ARG A 330 15.81 6.63 -3.83
CA ARG A 330 15.33 7.69 -2.95
C ARG A 330 13.93 7.40 -2.45
N ILE A 331 13.54 8.13 -1.41
CA ILE A 331 12.20 8.05 -0.88
C ILE A 331 11.68 9.48 -0.92
N LYS A 332 10.40 9.63 -1.22
CA LYS A 332 9.74 10.93 -1.26
C LYS A 332 8.55 10.80 -0.32
N GLN A 333 8.70 11.34 0.88
CA GLN A 333 7.65 11.24 1.89
C GLN A 333 7.50 12.55 2.67
N CYS A 334 6.25 12.98 2.85
CA CYS A 334 5.97 14.18 3.62
C CYS A 334 5.83 13.67 5.05
N THR A 335 6.97 13.29 5.60
CA THR A 335 7.07 12.63 6.93
C THR A 335 6.65 13.52 8.10
N THR A 336 5.88 12.96 9.02
CA THR A 336 5.45 13.65 10.23
C THR A 336 5.97 12.80 11.40
N VAL A 337 6.23 13.42 12.54
CA VAL A 337 6.79 12.71 13.67
C VAL A 337 5.78 12.02 14.59
N ASN A 338 5.56 10.73 14.33
CA ASN A 338 4.64 9.91 15.11
C ASN A 338 4.87 8.46 14.68
N LEU A 339 4.45 7.52 15.52
CA LEU A 339 4.65 6.11 15.23
C LEU A 339 4.04 5.62 13.92
N GLU A 340 2.83 6.06 13.61
CA GLU A 340 2.16 5.63 12.38
C GLU A 340 2.99 5.98 11.15
N ASP A 341 3.67 7.12 11.17
CA ASP A 341 4.47 7.50 10.03
C ASP A 341 5.84 6.83 10.07
N LEU A 342 6.27 6.40 11.24
CA LEU A 342 7.55 5.71 11.35
C LEU A 342 7.33 4.34 10.70
N VAL A 343 6.12 3.79 10.86
CA VAL A 343 5.79 2.50 10.25
C VAL A 343 5.79 2.66 8.73
N VAL A 344 5.29 3.80 8.24
CA VAL A 344 5.27 4.08 6.80
C VAL A 344 6.72 4.21 6.33
N ALA A 345 7.56 4.86 7.13
CA ALA A 345 8.97 5.02 6.77
C ALA A 345 9.62 3.64 6.57
N HIS A 346 9.32 2.70 7.47
CA HIS A 346 9.89 1.35 7.36
C HIS A 346 9.39 0.69 6.08
N HIS A 347 8.09 0.86 5.82
CA HIS A 347 7.47 0.32 4.62
C HIS A 347 8.27 0.79 3.40
N GLU A 348 8.47 2.10 3.29
CA GLU A 348 9.20 2.66 2.17
C GLU A 348 10.63 2.11 2.11
N MET A 349 11.30 2.05 3.24
CA MET A 349 12.66 1.53 3.31
C MET A 349 12.70 0.08 2.85
N GLY A 350 11.58 -0.63 3.03
CA GLY A 350 11.52 -2.00 2.58
C GLY A 350 11.64 -2.04 1.06
N HIS A 351 11.03 -1.08 0.38
CA HIS A 351 11.10 -1.01 -1.08
C HIS A 351 12.54 -0.76 -1.50
N ILE A 352 13.20 0.15 -0.79
CA ILE A 352 14.58 0.49 -1.09
C ILE A 352 15.49 -0.73 -0.90
N GLN A 353 15.30 -1.46 0.18
CA GLN A 353 16.11 -2.64 0.43
C GLN A 353 15.97 -3.57 -0.77
N TYR A 354 14.74 -3.76 -1.22
CA TYR A 354 14.47 -4.63 -2.36
C TYR A 354 15.23 -4.11 -3.59
N PHE A 355 15.21 -2.80 -3.83
CA PHE A 355 15.93 -2.22 -4.97
C PHE A 355 17.41 -2.59 -4.90
N MET A 356 17.99 -2.44 -3.72
CA MET A 356 19.41 -2.72 -3.51
C MET A 356 19.73 -4.21 -3.59
N GLN A 357 18.77 -5.06 -3.21
CA GLN A 357 18.99 -6.50 -3.24
C GLN A 357 19.02 -7.08 -4.65
N TYR A 358 18.20 -6.56 -5.55
CA TYR A 358 18.19 -7.11 -6.91
C TYR A 358 18.77 -6.19 -7.96
N LYS A 359 19.50 -5.17 -7.51
CA LYS A 359 20.11 -4.19 -8.41
C LYS A 359 21.01 -4.79 -9.49
N ASP A 360 21.60 -5.95 -9.24
CA ASP A 360 22.49 -6.56 -10.22
C ASP A 360 21.83 -7.52 -11.22
N LEU A 361 20.50 -7.56 -11.23
CA LEU A 361 19.78 -8.40 -12.17
C LEU A 361 19.42 -7.52 -13.37
N PRO A 362 19.12 -8.15 -14.52
CA PRO A 362 18.75 -7.37 -15.72
C PRO A 362 17.55 -6.50 -15.32
N VAL A 363 17.52 -5.25 -15.76
CA VAL A 363 16.42 -4.36 -15.40
C VAL A 363 15.02 -4.95 -15.58
N ALA A 364 14.86 -5.85 -16.54
CA ALA A 364 13.56 -6.45 -16.81
C ALA A 364 13.10 -7.32 -15.64
N LEU A 365 14.05 -7.78 -14.84
CA LEU A 365 13.72 -8.63 -13.70
C LEU A 365 13.85 -7.92 -12.35
N ARG A 366 14.06 -6.60 -12.36
CA ARG A 366 14.16 -5.85 -11.11
C ARG A 366 12.78 -5.49 -10.56
N GLU A 367 12.11 -6.49 -10.00
CA GLU A 367 10.76 -6.37 -9.42
C GLU A 367 10.66 -7.36 -8.27
N GLY A 368 9.59 -7.25 -7.50
CA GLY A 368 9.40 -8.19 -6.40
C GLY A 368 8.95 -9.51 -7.00
N ALA A 369 9.01 -10.60 -6.22
CA ALA A 369 8.57 -11.90 -6.77
C ALA A 369 7.19 -11.67 -7.38
N ASN A 370 6.42 -10.83 -6.74
CA ASN A 370 5.12 -10.42 -7.17
C ASN A 370 4.88 -9.10 -6.43
N PRO A 371 4.05 -8.20 -6.95
CA PRO A 371 3.81 -6.93 -6.26
C PRO A 371 3.57 -7.03 -4.75
N GLY A 372 3.00 -8.14 -4.30
CA GLY A 372 2.74 -8.32 -2.89
C GLY A 372 4.01 -8.30 -2.05
N PHE A 373 5.02 -9.05 -2.50
CA PHE A 373 6.30 -9.13 -1.80
C PHE A 373 6.94 -7.76 -1.59
N HIS A 374 6.94 -6.96 -2.65
CA HIS A 374 7.55 -5.63 -2.58
C HIS A 374 6.92 -4.81 -1.47
N GLU A 375 5.61 -4.95 -1.29
CA GLU A 375 4.89 -4.23 -0.24
C GLU A 375 5.13 -4.78 1.15
N ALA A 376 5.45 -6.06 1.22
CA ALA A 376 5.63 -6.73 2.50
C ALA A 376 6.95 -6.52 3.27
N ILE A 377 8.08 -6.53 2.56
CA ILE A 377 9.38 -6.41 3.21
C ILE A 377 9.43 -5.40 4.34
N GLY A 378 9.13 -4.15 4.05
CA GLY A 378 9.17 -3.10 5.06
C GLY A 378 8.24 -3.37 6.23
N ASP A 379 7.03 -3.83 5.94
CA ASP A 379 6.05 -4.11 6.99
C ASP A 379 6.51 -5.19 7.96
N VAL A 380 7.27 -6.17 7.48
CA VAL A 380 7.74 -7.23 8.35
C VAL A 380 8.58 -6.66 9.50
N LEU A 381 9.51 -5.77 9.18
CA LEU A 381 10.35 -5.17 10.20
C LEU A 381 9.54 -4.24 11.09
N ALA A 382 8.58 -3.54 10.51
CA ALA A 382 7.74 -2.63 11.29
C ALA A 382 6.94 -3.41 12.34
N LEU A 383 6.67 -4.70 12.10
CA LEU A 383 5.92 -5.47 13.09
C LEU A 383 6.76 -5.55 14.36
N SER A 384 8.06 -5.82 14.20
CA SER A 384 8.98 -5.90 15.33
C SER A 384 9.15 -4.57 16.03
N VAL A 385 9.24 -3.50 15.24
CA VAL A 385 9.40 -2.14 15.77
C VAL A 385 8.21 -1.69 16.61
N SER A 386 7.02 -2.17 16.29
CA SER A 386 5.81 -1.79 17.00
C SER A 386 5.60 -2.49 18.35
N THR A 387 6.37 -3.53 18.62
CA THR A 387 6.22 -4.24 19.88
C THR A 387 6.58 -3.35 21.08
N PRO A 388 5.92 -3.56 22.21
CA PRO A 388 6.19 -2.76 23.41
C PRO A 388 7.68 -2.85 23.77
N LYS A 389 8.23 -4.06 23.67
CA LYS A 389 9.63 -4.31 23.97
C LYS A 389 10.55 -3.39 23.17
N HIS A 390 10.40 -3.42 21.84
CA HIS A 390 11.22 -2.59 20.97
C HIS A 390 10.99 -1.09 21.18
N LEU A 391 9.72 -0.69 21.29
CA LEU A 391 9.42 0.73 21.50
C LEU A 391 10.06 1.22 22.78
N HIS A 392 10.11 0.34 23.78
CA HIS A 392 10.72 0.70 25.05
C HIS A 392 12.23 0.87 24.85
N SER A 393 12.82 -0.01 24.05
CA SER A 393 14.25 0.07 23.80
C SER A 393 14.60 1.35 23.05
N LEU A 394 13.61 2.00 22.44
CA LEU A 394 13.86 3.24 21.72
C LEU A 394 13.57 4.41 22.65
N ASN A 395 13.14 4.08 23.87
CA ASN A 395 12.83 5.08 24.89
C ASN A 395 11.49 5.76 24.72
N LEU A 396 10.73 5.34 23.72
CA LEU A 396 9.42 5.94 23.48
C LEU A 396 8.39 5.41 24.48
N LEU A 397 8.77 4.40 25.26
CA LEU A 397 7.88 3.83 26.26
C LEU A 397 8.55 3.67 27.63
N SER A 398 7.76 3.89 28.68
CA SER A 398 8.22 3.75 30.07
C SER A 398 8.65 2.31 30.29
N SER A 399 7.69 1.41 30.09
CA SER A 399 7.87 -0.02 30.27
C SER A 399 7.36 -0.73 29.01
N GLU A 400 7.55 -2.04 28.96
CA GLU A 400 7.07 -2.81 27.84
C GLU A 400 5.93 -3.67 28.38
N GLY A 401 5.66 -3.48 29.67
CA GLY A 401 4.60 -4.20 30.33
C GLY A 401 4.97 -5.66 30.53
N GLY A 402 4.00 -6.53 30.24
CA GLY A 402 4.20 -7.96 30.41
C GLY A 402 2.85 -8.55 30.72
N SER A 403 2.06 -7.78 31.47
CA SER A 403 0.72 -8.20 31.87
C SER A 403 -0.11 -8.67 30.68
N ASP A 404 -0.99 -9.63 30.92
CA ASP A 404 -1.84 -10.15 29.86
C ASP A 404 -2.74 -9.04 29.35
N GLU A 405 -3.10 -8.11 30.24
CA GLU A 405 -3.94 -6.99 29.86
C GLU A 405 -3.20 -6.09 28.88
N HIS A 406 -1.95 -5.77 29.20
CA HIS A 406 -1.13 -4.92 28.33
C HIS A 406 -0.91 -5.68 27.04
N ASP A 407 -0.96 -7.01 27.14
CA ASP A 407 -0.76 -7.90 26.01
C ASP A 407 -1.96 -7.84 25.06
N ILE A 408 -3.17 -7.84 25.62
CA ILE A 408 -4.39 -7.77 24.82
C ILE A 408 -4.49 -6.36 24.22
N ASN A 409 -4.05 -5.36 24.98
CA ASN A 409 -4.05 -3.99 24.50
C ASN A 409 -3.16 -3.87 23.25
N PHE A 410 -2.01 -4.54 23.28
CA PHE A 410 -1.10 -4.49 22.14
C PHE A 410 -1.70 -5.16 20.91
N LEU A 411 -2.21 -6.37 21.08
CA LEU A 411 -2.81 -7.08 19.95
C LEU A 411 -3.94 -6.24 19.37
N MET A 412 -4.68 -5.56 20.24
CA MET A 412 -5.80 -4.72 19.81
C MET A 412 -5.31 -3.55 18.95
N LYS A 413 -4.24 -2.89 19.38
CA LYS A 413 -3.74 -1.79 18.58
C LYS A 413 -3.27 -2.28 17.22
N MET A 414 -2.62 -3.44 17.19
CA MET A 414 -2.14 -4.01 15.94
C MET A 414 -3.30 -4.40 15.04
N ALA A 415 -4.30 -5.05 15.61
CA ALA A 415 -5.48 -5.48 14.86
C ALA A 415 -6.21 -4.28 14.25
N LEU A 416 -6.28 -3.18 14.99
CA LEU A 416 -6.94 -1.98 14.50
C LEU A 416 -6.39 -1.57 13.13
N ASP A 417 -5.12 -1.85 12.89
CA ASP A 417 -4.52 -1.53 11.60
C ASP A 417 -4.48 -2.74 10.68
N LYS A 418 -3.85 -3.82 11.14
CA LYS A 418 -3.68 -5.02 10.33
C LYS A 418 -4.94 -5.77 9.92
N ILE A 419 -5.87 -5.97 10.84
CA ILE A 419 -7.09 -6.69 10.52
C ILE A 419 -8.13 -5.84 9.80
N ALA A 420 -8.31 -4.60 10.24
CA ALA A 420 -9.27 -3.71 9.59
C ALA A 420 -8.91 -3.48 8.11
N PHE A 421 -7.61 -3.52 7.81
CA PHE A 421 -7.14 -3.28 6.44
C PHE A 421 -7.50 -4.40 5.45
N ILE A 422 -7.69 -5.61 5.96
CA ILE A 422 -8.00 -6.75 5.11
C ILE A 422 -9.17 -6.50 4.15
N PRO A 423 -10.36 -6.16 4.68
CA PRO A 423 -11.47 -5.94 3.76
C PRO A 423 -11.34 -4.69 2.88
N PHE A 424 -10.68 -3.64 3.37
CA PHE A 424 -10.51 -2.46 2.54
C PHE A 424 -9.59 -2.79 1.37
N SER A 425 -8.42 -3.38 1.66
CA SER A 425 -7.46 -3.73 0.62
C SER A 425 -8.03 -4.71 -0.39
N TYR A 426 -8.95 -5.56 0.04
CA TYR A 426 -9.57 -6.54 -0.86
C TYR A 426 -10.55 -5.85 -1.81
N LEU A 427 -11.31 -4.93 -1.22
CA LEU A 427 -12.35 -4.17 -1.89
C LEU A 427 -11.92 -3.30 -3.07
N VAL A 428 -10.86 -2.50 -2.90
CA VAL A 428 -10.40 -1.58 -3.94
C VAL A 428 -10.33 -2.12 -5.36
N ASP A 429 -9.60 -3.21 -5.56
CA ASP A 429 -9.50 -3.73 -6.93
C ASP A 429 -10.71 -4.57 -7.35
N GLN A 430 -11.45 -5.10 -6.38
CA GLN A 430 -12.65 -5.81 -6.75
C GLN A 430 -13.51 -4.78 -7.52
N TRP A 431 -13.52 -3.55 -7.00
CA TRP A 431 -14.24 -2.44 -7.63
C TRP A 431 -13.63 -2.14 -9.00
N ARG A 432 -12.31 -1.93 -9.07
CA ARG A 432 -11.66 -1.62 -10.33
C ARG A 432 -11.75 -2.72 -11.39
N TRP A 433 -11.50 -3.97 -11.00
CA TRP A 433 -11.58 -5.06 -11.96
C TRP A 433 -12.96 -5.07 -12.61
N ARG A 434 -13.99 -4.77 -11.82
CA ARG A 434 -15.34 -4.74 -12.35
C ARG A 434 -15.59 -3.48 -13.17
N VAL A 435 -14.78 -2.45 -12.95
CA VAL A 435 -14.89 -1.22 -13.72
C VAL A 435 -14.15 -1.49 -15.03
N PHE A 436 -13.00 -2.16 -14.96
CA PHE A 436 -12.21 -2.49 -16.14
C PHE A 436 -12.88 -3.50 -17.07
N ASP A 437 -13.57 -4.50 -16.50
CA ASP A 437 -14.23 -5.48 -17.36
C ASP A 437 -15.58 -4.96 -17.83
N GLY A 438 -15.90 -3.71 -17.47
CA GLY A 438 -17.15 -3.11 -17.91
C GLY A 438 -18.44 -3.42 -17.18
N SER A 439 -18.40 -4.29 -16.17
CA SER A 439 -19.63 -4.61 -15.45
C SER A 439 -20.12 -3.46 -14.59
N ILE A 440 -19.28 -2.44 -14.41
CA ILE A 440 -19.65 -1.26 -13.63
C ILE A 440 -19.45 -0.08 -14.54
N THR A 441 -20.54 0.57 -14.97
CA THR A 441 -20.43 1.73 -15.85
C THR A 441 -20.26 3.01 -15.03
N LYS A 442 -19.85 4.10 -15.69
CA LYS A 442 -19.64 5.37 -15.01
C LYS A 442 -20.81 5.88 -14.20
N GLU A 443 -22.03 5.57 -14.64
CA GLU A 443 -23.22 6.00 -13.92
C GLU A 443 -23.37 5.24 -12.60
N ASN A 444 -22.63 4.15 -12.46
CA ASN A 444 -22.71 3.34 -11.25
C ASN A 444 -21.42 3.27 -10.45
N TYR A 445 -20.42 4.06 -10.84
CA TYR A 445 -19.14 4.09 -10.15
C TYR A 445 -19.31 4.13 -8.63
N ASN A 446 -19.89 5.22 -8.15
CA ASN A 446 -20.07 5.42 -6.73
C ASN A 446 -20.99 4.47 -6.01
N GLN A 447 -22.13 4.14 -6.60
CA GLN A 447 -23.05 3.23 -5.94
C GLN A 447 -22.38 1.87 -5.74
N GLU A 448 -21.67 1.40 -6.75
CA GLU A 448 -20.98 0.12 -6.64
C GLU A 448 -19.87 0.15 -5.62
N TRP A 449 -19.19 1.29 -5.52
CA TRP A 449 -18.12 1.45 -4.56
C TRP A 449 -18.71 1.26 -3.17
N TRP A 450 -19.81 1.96 -2.88
CA TRP A 450 -20.39 1.83 -1.57
C TRP A 450 -21.00 0.47 -1.30
N SER A 451 -21.52 -0.19 -2.33
CA SER A 451 -22.09 -1.53 -2.13
C SER A 451 -20.97 -2.44 -1.63
N LEU A 452 -19.75 -2.21 -2.15
CA LEU A 452 -18.60 -3.01 -1.73
C LEU A 452 -18.13 -2.55 -0.33
N ARG A 453 -18.17 -1.25 -0.09
CA ARG A 453 -17.79 -0.71 1.22
C ARG A 453 -18.70 -1.33 2.30
N LEU A 454 -19.98 -1.47 1.98
CA LEU A 454 -20.92 -2.06 2.93
C LEU A 454 -20.68 -3.56 3.06
N LYS A 455 -20.63 -4.23 1.93
CA LYS A 455 -20.44 -5.69 1.91
C LYS A 455 -19.19 -6.20 2.60
N TYR A 456 -18.03 -5.62 2.26
CA TYR A 456 -16.76 -6.07 2.84
C TYR A 456 -16.35 -5.43 4.15
N GLN A 457 -16.48 -4.11 4.25
CA GLN A 457 -16.07 -3.43 5.47
C GLN A 457 -17.17 -3.23 6.51
N GLY A 458 -18.42 -3.31 6.09
CA GLY A 458 -19.50 -3.06 7.02
C GLY A 458 -19.53 -1.56 7.33
N LEU A 459 -19.29 -0.75 6.32
CA LEU A 459 -19.30 0.70 6.48
C LEU A 459 -20.44 1.35 5.69
N CYS A 460 -20.83 2.55 6.13
CA CYS A 460 -21.87 3.32 5.47
C CYS A 460 -21.42 4.78 5.44
N PRO A 461 -21.77 5.52 4.39
CA PRO A 461 -21.38 6.93 4.30
C PRO A 461 -22.18 7.76 5.31
N PRO A 462 -21.53 8.73 5.97
CA PRO A 462 -22.21 9.58 6.97
C PRO A 462 -23.24 10.54 6.37
N VAL A 463 -23.13 10.82 5.08
CA VAL A 463 -24.12 11.67 4.41
C VAL A 463 -24.36 11.05 3.05
N PRO A 464 -25.61 11.01 2.61
CA PRO A 464 -25.96 10.44 1.31
C PRO A 464 -25.06 10.91 0.17
N ARG A 465 -24.74 9.98 -0.73
CA ARG A 465 -23.91 10.32 -1.87
C ARG A 465 -24.85 10.75 -2.99
N THR A 466 -24.35 11.54 -3.94
CA THR A 466 -25.19 12.02 -5.03
C THR A 466 -24.60 11.88 -6.41
N GLN A 467 -25.29 12.45 -7.38
N GLN A 467 -25.30 12.47 -7.37
CA GLN A 467 -24.84 12.43 -8.76
CA GLN A 467 -24.85 12.46 -8.74
C GLN A 467 -23.71 13.44 -8.80
C GLN A 467 -23.70 13.46 -8.79
N GLY A 468 -22.52 12.99 -9.19
CA GLY A 468 -21.38 13.88 -9.25
C GLY A 468 -20.32 13.45 -8.25
N ASP A 469 -20.72 12.66 -7.25
CA ASP A 469 -19.75 12.18 -6.28
C ASP A 469 -18.95 11.05 -6.91
N PHE A 470 -17.68 11.01 -6.58
CA PHE A 470 -16.79 9.97 -7.06
C PHE A 470 -15.79 9.74 -5.95
N ASP A 471 -16.29 9.12 -4.88
CA ASP A 471 -15.49 8.85 -3.70
C ASP A 471 -14.21 8.07 -3.99
N PRO A 472 -14.26 7.08 -4.92
CA PRO A 472 -13.04 6.32 -5.23
C PRO A 472 -11.91 7.28 -5.62
N GLY A 473 -12.29 8.39 -6.25
CA GLY A 473 -11.30 9.37 -6.68
C GLY A 473 -10.55 10.03 -5.53
N ALA A 474 -11.09 9.95 -4.31
CA ALA A 474 -10.45 10.56 -3.14
C ALA A 474 -9.40 9.65 -2.50
N LYS A 475 -9.13 8.51 -3.12
CA LYS A 475 -8.11 7.59 -2.61
C LYS A 475 -6.97 7.57 -3.63
N PHE A 476 -5.81 8.04 -3.20
CA PHE A 476 -4.60 8.14 -4.03
C PHE A 476 -4.45 7.16 -5.19
N HIS A 477 -4.44 5.87 -4.89
CA HIS A 477 -4.26 4.85 -5.91
C HIS A 477 -5.25 4.86 -7.08
N ILE A 478 -6.43 5.43 -6.87
CA ILE A 478 -7.40 5.48 -7.94
C ILE A 478 -6.95 6.46 -9.04
N PRO A 479 -6.74 7.75 -8.69
CA PRO A 479 -6.29 8.69 -9.72
C PRO A 479 -4.86 8.44 -10.18
N SER A 480 -4.04 7.84 -9.31
CA SER A 480 -2.66 7.57 -9.66
C SER A 480 -2.47 6.28 -10.45
N SER A 481 -3.56 5.54 -10.63
CA SER A 481 -3.55 4.28 -11.38
C SER A 481 -2.50 3.31 -10.83
N VAL A 482 -2.54 3.07 -9.53
CA VAL A 482 -1.62 2.16 -8.85
C VAL A 482 -2.43 0.96 -8.33
N PRO A 483 -2.12 -0.25 -8.81
CA PRO A 483 -2.86 -1.44 -8.36
C PRO A 483 -2.93 -1.50 -6.84
N TYR A 484 -3.97 -2.14 -6.29
CA TYR A 484 -4.13 -2.20 -4.84
C TYR A 484 -4.13 -3.59 -4.21
N ILE A 485 -4.47 -4.61 -4.99
CA ILE A 485 -4.53 -5.96 -4.45
C ILE A 485 -3.18 -6.35 -3.81
N ARG A 486 -2.09 -5.70 -4.24
CA ARG A 486 -0.76 -5.96 -3.71
C ARG A 486 -0.67 -5.76 -2.20
N TYR A 487 -1.42 -4.78 -1.69
CA TYR A 487 -1.43 -4.49 -0.27
C TYR A 487 -2.21 -5.54 0.50
N PHE A 488 -3.21 -6.16 -0.15
CA PHE A 488 -4.00 -7.22 0.48
C PHE A 488 -3.09 -8.44 0.61
N VAL A 489 -2.36 -8.75 -0.45
CA VAL A 489 -1.43 -9.88 -0.42
C VAL A 489 -0.37 -9.60 0.63
N SER A 490 0.19 -8.38 0.59
CA SER A 490 1.22 -7.98 1.55
C SER A 490 0.80 -8.25 2.99
N PHE A 491 -0.37 -7.76 3.38
CA PHE A 491 -0.85 -7.94 4.74
C PHE A 491 -0.98 -9.38 5.19
N ILE A 492 -1.26 -10.28 4.25
CA ILE A 492 -1.37 -11.70 4.60
C ILE A 492 0.05 -12.28 4.71
N ILE A 493 0.81 -12.17 3.63
CA ILE A 493 2.16 -12.72 3.61
C ILE A 493 3.18 -12.11 4.58
N GLN A 494 3.02 -10.84 4.95
CA GLN A 494 3.98 -10.26 5.89
C GLN A 494 3.97 -11.05 7.21
N PHE A 495 2.82 -11.55 7.61
CA PHE A 495 2.74 -12.34 8.84
C PHE A 495 3.40 -13.70 8.65
N GLN A 496 3.34 -14.23 7.43
CA GLN A 496 3.97 -15.51 7.14
C GLN A 496 5.49 -15.28 7.27
N PHE A 497 5.95 -14.14 6.77
CA PHE A 497 7.39 -13.82 6.83
C PHE A 497 7.81 -13.57 8.27
N HIS A 498 7.00 -12.82 9.02
CA HIS A 498 7.29 -12.55 10.42
C HIS A 498 7.43 -13.91 11.12
N GLU A 499 6.45 -14.78 10.90
CA GLU A 499 6.48 -16.11 11.50
C GLU A 499 7.72 -16.92 11.12
N ALA A 500 8.19 -16.78 9.89
CA ALA A 500 9.37 -17.53 9.44
C ALA A 500 10.66 -16.92 9.98
N LEU A 501 10.77 -15.60 9.91
CA LEU A 501 11.97 -14.93 10.40
C LEU A 501 12.13 -15.08 11.91
N CYS A 502 11.01 -15.17 12.62
CA CYS A 502 11.05 -15.34 14.07
C CYS A 502 11.52 -16.74 14.40
N GLN A 503 11.00 -17.73 13.67
CA GLN A 503 11.42 -19.11 13.89
C GLN A 503 12.91 -19.19 13.57
N ALA A 504 13.32 -18.56 12.47
CA ALA A 504 14.72 -18.55 12.06
C ALA A 504 15.59 -17.82 13.09
N ALA A 505 14.98 -16.93 13.86
CA ALA A 505 15.72 -16.18 14.87
C ALA A 505 15.72 -16.91 16.21
N GLY A 506 15.02 -18.04 16.28
CA GLY A 506 14.96 -18.81 17.51
C GLY A 506 13.85 -18.42 18.49
N HIS A 507 13.01 -17.48 18.10
CA HIS A 507 11.92 -17.05 18.98
C HIS A 507 11.03 -18.21 19.38
N THR A 508 10.64 -18.23 20.65
CA THR A 508 9.76 -19.27 21.17
C THR A 508 8.63 -18.52 21.90
N GLY A 509 7.46 -19.14 22.01
CA GLY A 509 6.36 -18.46 22.68
C GLY A 509 5.43 -17.79 21.69
N PRO A 510 4.47 -16.99 22.16
CA PRO A 510 3.53 -16.28 21.27
C PRO A 510 4.23 -15.49 20.17
N LEU A 511 3.74 -15.64 18.94
CA LEU A 511 4.33 -14.95 17.80
C LEU A 511 4.32 -13.42 17.93
N HIS A 512 3.25 -12.86 18.49
CA HIS A 512 3.16 -11.40 18.60
C HIS A 512 4.22 -10.79 19.52
N LYS A 513 4.90 -11.63 20.29
CA LYS A 513 5.94 -11.17 21.21
C LYS A 513 7.32 -11.17 20.56
N CYS A 514 7.39 -11.62 19.31
CA CYS A 514 8.67 -11.69 18.60
C CYS A 514 9.18 -10.35 18.06
N ASP A 515 10.48 -10.16 18.18
CA ASP A 515 11.17 -8.97 17.69
C ASP A 515 12.46 -9.49 17.08
N ILE A 516 12.59 -9.39 15.75
CA ILE A 516 13.77 -9.90 15.05
C ILE A 516 15.00 -9.01 15.07
N TYR A 517 14.89 -7.83 15.70
CA TYR A 517 16.02 -6.91 15.74
C TYR A 517 17.35 -7.63 16.00
N GLN A 518 18.35 -7.31 15.16
CA GLN A 518 19.68 -7.88 15.26
C GLN A 518 19.86 -9.34 14.86
N SER A 519 18.79 -9.99 14.38
CA SER A 519 18.92 -11.39 13.98
C SER A 519 19.47 -11.54 12.56
N LYS A 520 20.72 -11.99 12.46
CA LYS A 520 21.34 -12.18 11.16
C LYS A 520 20.68 -13.31 10.42
N GLU A 521 20.14 -14.29 11.16
CA GLU A 521 19.47 -15.42 10.53
C GLU A 521 18.23 -14.92 9.80
N ALA A 522 17.48 -14.03 10.46
CA ALA A 522 16.27 -13.48 9.86
C ALA A 522 16.64 -12.74 8.59
N GLY A 523 17.66 -11.90 8.68
CA GLY A 523 18.11 -11.13 7.54
C GLY A 523 18.46 -12.00 6.34
N GLN A 524 19.15 -13.11 6.58
CA GLN A 524 19.55 -14.00 5.50
C GLN A 524 18.36 -14.65 4.80
N ARG A 525 17.33 -15.01 5.57
CA ARG A 525 16.12 -15.62 5.01
C ARG A 525 15.50 -14.71 3.95
N LEU A 526 15.46 -13.41 4.23
CA LEU A 526 14.88 -12.45 3.32
C LEU A 526 15.80 -12.08 2.15
N ALA A 527 17.07 -11.84 2.46
CA ALA A 527 18.03 -11.45 1.43
C ALA A 527 18.07 -12.44 0.27
N THR A 528 18.13 -13.73 0.58
CA THR A 528 18.17 -14.73 -0.46
C THR A 528 16.96 -14.64 -1.36
N ALA A 529 15.80 -14.41 -0.76
CA ALA A 529 14.56 -14.31 -1.54
C ALA A 529 14.52 -13.02 -2.36
N MET A 530 14.90 -11.91 -1.77
CA MET A 530 14.87 -10.63 -2.48
C MET A 530 15.82 -10.56 -3.66
N LYS A 531 17.00 -11.17 -3.53
CA LYS A 531 17.97 -11.15 -4.63
C LYS A 531 17.43 -11.75 -5.93
N LEU A 532 16.39 -12.58 -5.82
CA LEU A 532 15.80 -13.21 -6.99
C LEU A 532 15.02 -12.23 -7.86
N GLY A 533 14.63 -11.10 -7.27
CA GLY A 533 13.87 -10.12 -8.01
C GLY A 533 12.66 -10.80 -8.63
N PHE A 534 12.49 -10.62 -9.94
CA PHE A 534 11.36 -11.19 -10.66
C PHE A 534 11.84 -12.31 -11.60
N SER A 535 12.95 -12.94 -11.26
CA SER A 535 13.50 -14.00 -12.11
C SER A 535 12.79 -15.34 -12.02
N ARG A 536 12.25 -15.67 -10.86
CA ARG A 536 11.56 -16.94 -10.67
C ARG A 536 10.10 -16.79 -10.26
N PRO A 537 9.28 -17.84 -10.46
CA PRO A 537 7.86 -17.82 -10.08
C PRO A 537 7.85 -17.49 -8.60
N TRP A 538 6.95 -16.62 -8.15
CA TRP A 538 6.96 -16.24 -6.74
C TRP A 538 6.85 -17.36 -5.70
N PRO A 539 6.19 -18.50 -6.03
CA PRO A 539 6.12 -19.54 -5.00
C PRO A 539 7.52 -20.02 -4.57
N GLU A 540 8.52 -19.83 -5.44
CA GLU A 540 9.89 -20.23 -5.10
C GLU A 540 10.44 -19.32 -4.01
N ALA A 541 10.20 -18.03 -4.15
CA ALA A 541 10.66 -17.05 -3.17
C ALA A 541 9.93 -17.30 -1.85
N MET A 542 8.65 -17.65 -1.96
CA MET A 542 7.82 -17.93 -0.78
C MET A 542 8.40 -19.09 0.01
N GLN A 543 8.77 -20.17 -0.68
CA GLN A 543 9.35 -21.32 0.00
C GLN A 543 10.71 -21.01 0.63
N LEU A 544 11.56 -20.28 -0.08
CA LEU A 544 12.87 -19.92 0.47
C LEU A 544 12.70 -19.25 1.82
N ILE A 545 11.76 -18.30 1.89
CA ILE A 545 11.52 -17.59 3.13
C ILE A 545 10.81 -18.41 4.21
N THR A 546 9.69 -19.10 3.88
CA THR A 546 8.89 -19.81 4.87
C THR A 546 9.01 -21.34 4.93
N GLY A 547 9.40 -22.00 3.83
CA GLY A 547 9.52 -23.46 3.89
C GLY A 547 8.36 -24.12 3.15
N GLN A 548 7.35 -23.33 2.81
CA GLN A 548 6.19 -23.82 2.09
C GLN A 548 5.97 -22.83 0.95
N PRO A 549 5.19 -23.15 -0.12
CA PRO A 549 5.08 -22.18 -1.22
C PRO A 549 3.74 -21.46 -1.40
N GLN A 550 2.82 -21.59 -0.48
N GLN A 550 2.78 -21.57 -0.48
CA GLN A 550 1.53 -20.93 -0.70
CA GLN A 550 1.49 -20.90 -0.67
C GLN A 550 1.35 -19.69 0.10
C GLN A 550 1.32 -19.62 0.16
N MET A 551 0.32 -18.95 -0.27
CA MET A 551 -0.06 -17.83 0.55
C MET A 551 -0.86 -18.49 1.68
N SER A 552 -0.85 -17.90 2.84
CA SER A 552 -1.65 -18.52 3.88
C SER A 552 -1.97 -17.58 5.03
N ALA A 553 -3.24 -17.57 5.41
CA ALA A 553 -3.72 -16.72 6.49
C ALA A 553 -3.38 -17.31 7.86
N SER A 554 -2.84 -18.52 7.88
N SER A 554 -2.85 -18.51 7.87
CA SER A 554 -2.49 -19.17 9.14
CA SER A 554 -2.50 -19.18 9.13
C SER A 554 -1.59 -18.34 10.03
C SER A 554 -1.58 -18.36 10.03
N ALA A 555 -0.54 -17.77 9.45
CA ALA A 555 0.41 -16.97 10.22
C ALA A 555 -0.27 -15.79 10.94
N MET A 556 -1.11 -15.07 10.20
CA MET A 556 -1.82 -13.92 10.73
C MET A 556 -2.82 -14.31 11.81
N LEU A 557 -3.50 -15.45 11.63
CA LEU A 557 -4.46 -15.93 12.61
C LEU A 557 -3.74 -16.36 13.88
N SER A 558 -2.56 -16.96 13.71
CA SER A 558 -1.75 -17.41 14.83
C SER A 558 -1.30 -16.19 15.63
N TYR A 559 -0.89 -15.16 14.93
CA TYR A 559 -0.46 -13.92 15.55
C TYR A 559 -1.59 -13.34 16.41
N PHE A 560 -2.81 -13.33 15.87
CA PHE A 560 -3.96 -12.75 16.57
C PHE A 560 -4.85 -13.68 17.38
N LYS A 561 -4.50 -14.96 17.47
CA LYS A 561 -5.32 -15.92 18.18
C LYS A 561 -5.78 -15.43 19.56
N PRO A 562 -4.86 -14.95 20.41
CA PRO A 562 -5.23 -14.46 21.73
C PRO A 562 -6.32 -13.38 21.69
N LEU A 563 -6.21 -12.48 20.72
CA LEU A 563 -7.18 -11.40 20.57
C LEU A 563 -8.52 -11.97 20.09
N LEU A 564 -8.46 -12.91 19.16
CA LEU A 564 -9.70 -13.49 18.66
C LEU A 564 -10.49 -14.06 19.83
N ASP A 565 -9.83 -14.85 20.67
CA ASP A 565 -10.48 -15.45 21.83
C ASP A 565 -11.03 -14.39 22.77
N TRP A 566 -10.26 -13.33 23.00
CA TRP A 566 -10.71 -12.27 23.88
C TRP A 566 -11.94 -11.58 23.29
N LEU A 567 -11.84 -11.24 22.00
CA LEU A 567 -12.93 -10.56 21.29
C LEU A 567 -14.22 -11.37 21.33
N ARG A 568 -14.10 -12.67 21.11
CA ARG A 568 -15.26 -13.56 21.15
C ARG A 568 -16.01 -13.43 22.46
N THR A 569 -15.29 -13.74 23.53
CA THR A 569 -15.85 -13.68 24.86
C THR A 569 -16.43 -12.30 25.16
N GLU A 570 -15.66 -11.25 24.90
CA GLU A 570 -16.12 -9.89 25.13
C GLU A 570 -17.39 -9.57 24.35
N ASN A 571 -17.44 -9.97 23.09
CA ASN A 571 -18.62 -9.70 22.28
C ASN A 571 -19.83 -10.51 22.71
N GLU A 572 -19.61 -11.77 23.10
CA GLU A 572 -20.71 -12.61 23.53
C GLU A 572 -21.24 -12.14 24.89
N LEU A 573 -20.37 -11.56 25.72
CA LEU A 573 -20.81 -11.05 27.01
C LEU A 573 -21.84 -9.96 26.79
N HIS A 574 -21.62 -9.15 25.77
CA HIS A 574 -22.53 -8.05 25.44
C HIS A 574 -23.60 -8.49 24.44
N GLY A 575 -23.62 -9.77 24.12
CA GLY A 575 -24.61 -10.27 23.18
C GLY A 575 -24.58 -9.54 21.84
N GLU A 576 -23.38 -9.27 21.35
CA GLU A 576 -23.21 -8.57 20.07
C GLU A 576 -23.66 -9.45 18.92
N LYS A 577 -24.23 -8.84 17.92
CA LYS A 577 -24.65 -9.58 16.75
C LYS A 577 -23.67 -9.23 15.63
N LEU A 578 -22.75 -10.12 15.36
CA LEU A 578 -21.72 -9.93 14.35
C LEU A 578 -22.33 -9.62 13.00
N GLY A 579 -21.65 -8.80 12.22
CA GLY A 579 -22.16 -8.45 10.91
C GLY A 579 -23.09 -7.26 11.00
N TRP A 580 -23.78 -6.96 9.91
CA TRP A 580 -24.67 -5.83 9.86
C TRP A 580 -25.97 -6.17 9.15
N PRO A 581 -26.85 -6.92 9.85
CA PRO A 581 -28.15 -7.33 9.33
C PRO A 581 -28.84 -6.10 8.74
N GLN A 582 -29.04 -5.09 9.58
CA GLN A 582 -29.66 -3.84 9.13
C GLN A 582 -28.64 -3.13 8.27
N TYR A 583 -28.18 -3.83 7.23
CA TYR A 583 -27.19 -3.31 6.30
C TYR A 583 -27.64 -2.03 5.60
N ASN A 584 -28.96 -1.82 5.51
CA ASN A 584 -29.49 -0.64 4.85
C ASN A 584 -29.48 0.64 5.70
N TRP A 585 -29.14 0.48 6.98
CA TRP A 585 -29.09 1.63 7.89
C TRP A 585 -27.95 2.58 7.51
N THR A 586 -28.16 3.86 7.77
CA THR A 586 -27.19 4.91 7.51
C THR A 586 -27.47 5.93 8.61
N PRO A 587 -26.44 6.60 9.17
CA PRO A 587 -26.69 7.59 10.21
C PRO A 587 -27.75 8.61 9.83
C1 NAG B . 20.51 -18.61 -19.04
C2 NAG B . 21.57 -19.53 -18.40
C3 NAG B . 21.97 -18.97 -17.03
C4 NAG B . 22.31 -17.46 -17.09
C5 NAG B . 21.23 -16.70 -17.86
C6 NAG B . 21.60 -15.25 -18.08
C7 NAG B . 21.54 -21.89 -18.89
C8 NAG B . 20.95 -23.26 -18.63
N2 NAG B . 21.02 -20.86 -18.23
O3 NAG B . 23.08 -19.68 -16.52
O4 NAG B . 22.38 -16.94 -15.75
O5 NAG B . 21.03 -17.29 -19.16
O6 NAG B . 22.79 -15.17 -18.87
O7 NAG B . 22.46 -21.76 -19.71
C1 NAG B . 23.44 -16.11 -15.44
C2 NAG B . 23.10 -15.31 -14.18
C3 NAG B . 24.31 -14.50 -13.71
C4 NAG B . 25.52 -15.41 -13.54
C5 NAG B . 25.77 -16.19 -14.84
C6 NAG B . 26.90 -17.19 -14.69
C7 NAG B . 20.76 -14.79 -14.00
C8 NAG B . 19.62 -13.82 -14.28
N2 NAG B . 21.97 -14.43 -14.41
O3 NAG B . 24.01 -13.88 -12.47
O4 NAG B . 26.66 -14.63 -13.21
O5 NAG B . 24.59 -16.94 -15.21
O6 NAG B . 26.44 -18.36 -14.04
O7 NAG B . 20.54 -15.85 -13.41
C1 FUC B . 23.33 -13.88 -18.88
C2 FUC B . 24.82 -13.93 -19.26
C3 FUC B . 24.99 -14.24 -20.74
C4 FUC B . 24.19 -13.23 -21.57
C5 FUC B . 22.72 -13.29 -21.15
C6 FUC B . 21.85 -12.31 -21.89
O2 FUC B . 25.48 -14.92 -18.49
O3 FUC B . 26.36 -14.18 -21.09
O4 FUC B . 24.69 -11.92 -21.35
O5 FUC B . 22.62 -12.99 -19.74
C1 NAG C . 10.89 23.85 -9.31
C2 NAG C . 12.31 24.33 -9.05
C3 NAG C . 12.53 25.65 -9.79
C4 NAG C . 12.16 25.54 -11.28
C5 NAG C . 10.79 24.86 -11.49
C6 NAG C . 10.47 24.53 -12.94
C7 NAG C . 13.37 23.76 -6.95
C8 NAG C . 13.15 23.61 -5.46
N2 NAG C . 12.50 24.52 -7.62
O3 NAG C . 13.89 26.03 -9.67
O4 NAG C . 12.12 26.85 -11.82
O5 NAG C . 10.72 23.62 -10.73
O6 NAG C . 11.61 24.08 -13.65
O7 NAG C . 14.33 23.19 -7.49
C1 NAG D . 25.29 -6.77 -13.84
C2 NAG D . 25.19 -5.25 -13.84
C3 NAG D . 23.74 -4.82 -14.07
C4 NAG D . 23.20 -5.47 -15.35
C5 NAG D . 23.41 -6.98 -15.29
C6 NAG D . 22.99 -7.67 -16.57
C7 NAG D . 26.82 -4.01 -12.55
C8 NAG D . 27.25 -3.46 -11.20
N2 NAG D . 25.68 -4.70 -12.59
O1 NAG D . 26.61 -7.18 -13.69
O3 NAG D . 23.67 -3.41 -14.19
O4 NAG D . 21.81 -5.19 -15.48
O5 NAG D . 24.80 -7.29 -15.08
O6 NAG D . 22.15 -8.78 -16.30
O7 NAG D . 27.50 -3.81 -13.55
ZN ZN E . 4.58 0.36 -0.94
CL CL F . -15.00 6.50 0.43
CL CL G . -0.71 -5.61 -7.65
CD1 KAF H . 0.53 0.05 3.71
CE1 KAF H . 1.18 0.12 4.93
CZ KAF H . 0.71 0.98 5.90
CE2 KAF H . -0.40 1.76 5.66
CD2 KAF H . -1.04 1.68 4.43
CG KAF H . -0.58 0.82 3.44
CB KAF H . -1.29 0.72 2.13
CA KAF H . -1.03 1.88 1.16
C KAF H . -1.88 3.09 1.54
O KAF H . -1.28 4.07 2.03
OXT KAF H . -3.11 3.05 1.33
N KAF H . 0.39 2.22 1.14
CBC KAF H . 0.86 3.09 0.24
OAA KAF H . 0.16 3.64 -0.60
CAV KAF H . 2.36 3.39 0.31
CAW KAF H . 2.82 3.90 -1.07
CBM KAF H . 3.72 2.89 -1.78
OAE KAF H . 3.12 1.60 -1.76
OAF KAF H . 4.97 2.84 -1.08
CBL KAF H . 3.99 3.34 -3.22
CAX KAF H . 2.69 3.69 -3.97
CBF KAF H . 2.97 4.19 -5.37
CAO KAF H . 3.20 5.54 -5.60
CAI KAF H . 3.47 6.01 -6.87
CAG KAF H . 3.51 5.12 -7.94
CAJ KAF H . 3.28 3.78 -7.71
CAP KAF H . 3.00 3.32 -6.44
NBA KAF H . 4.72 2.32 -3.97
CBE KAF H . 6.05 2.28 -3.99
OAC KAF H . 6.78 3.07 -3.37
CBG KAF H . 6.65 1.16 -4.84
CAR KAF H . 5.86 0.12 -5.29
CAL KAF H . 6.40 -0.90 -6.05
CAH KAF H . 7.75 -0.91 -6.35
CAK KAF H . 8.55 0.13 -5.90
CAQ KAF H . 8.00 1.15 -5.14
#